data_2DZ7
# 
_entry.id   2DZ7 
# 
_audit_conform.dict_name       mmcif_pdbx.dic 
_audit_conform.dict_version    5.380 
_audit_conform.dict_location   http://mmcif.pdb.org/dictionaries/ascii/mmcif_pdbx.dic 
# 
loop_
_database_2.database_id 
_database_2.database_code 
_database_2.pdbx_database_accession 
_database_2.pdbx_DOI 
PDB   2DZ7         pdb_00002dz7 10.2210/pdb2dz7/pdb 
NDB   BD0098       ?            ?                   
RCSB  RCSB026025   ?            ?                   
WWPDB D_1000026025 ?            ?                   
# 
_pdbx_database_status.status_code                     REL 
_pdbx_database_status.entry_id                        2DZ7 
_pdbx_database_status.recvd_initial_deposition_date   2006-09-21 
_pdbx_database_status.deposit_site                    PDBJ 
_pdbx_database_status.process_site                    PDBJ 
_pdbx_database_status.status_code_sf                  ? 
_pdbx_database_status.status_code_mr                  ? 
_pdbx_database_status.SG_entry                        ? 
_pdbx_database_status.status_code_cs                  ? 
_pdbx_database_status.methods_development_category    ? 
_pdbx_database_status.pdb_format_compatible           Y 
_pdbx_database_status.status_code_nmr_data            ? 
# 
loop_
_audit_author.name 
_audit_author.pdbx_ordinal 
_audit_author.identifier_ORCID 
'Sato, Y.'     1 ? 
'Mitomi, K.'   2 ? 
'Sumani, T.'   3 ? 
'Kondo, J.'    4 ? 
'Takenaka, A.' 5 ? 
# 
_citation.id                        primary 
_citation.title                     
'DNA octaplex formation with an I-motif of water-mediated A-quartets: reinterpretation of the crystal structure of d(GCGAAAGC)' 
_citation.journal_abbrev            'J.Biochem.(Tokyo)' 
_citation.journal_volume            140 
_citation.page_first                759 
_citation.page_last                 762 
_citation.year                      2006 
_citation.journal_id_ASTM           JOBIAO 
_citation.country                   JA 
_citation.journal_id_ISSN           0021-924X 
_citation.journal_id_CSD            0418 
_citation.book_publisher            ? 
_citation.pdbx_database_id_PubMed   17062599 
_citation.pdbx_database_id_DOI      10.1093/jb/mvj213 
# 
loop_
_citation_author.citation_id 
_citation_author.name 
_citation_author.ordinal 
_citation_author.identifier_ORCID 
primary 'Sato, Y.'     1 ? 
primary 'Mitomi, K.'   2 ? 
primary 'Sunami, T.'   3 ? 
primary 'Kondo, J.'    4 ? 
primary 'Takenaka, A.' 5 ? 
# 
_cell.entry_id           2DZ7 
_cell.length_a           36.909 
_cell.length_b           36.909 
_cell.length_c           64.337 
_cell.angle_alpha        90.00 
_cell.angle_beta         90.00 
_cell.angle_gamma        90.00 
_cell.Z_PDB              16 
_cell.pdbx_unique_axis   ? 
_cell.length_a_esd       ? 
_cell.length_b_esd       ? 
_cell.length_c_esd       ? 
_cell.angle_alpha_esd    ? 
_cell.angle_beta_esd     ? 
_cell.angle_gamma_esd    ? 
# 
_symmetry.entry_id                         2DZ7 
_symmetry.space_group_name_H-M             'I 4 2 2' 
_symmetry.pdbx_full_space_group_name_H-M   ? 
_symmetry.cell_setting                     ? 
_symmetry.Int_Tables_number                97 
_symmetry.space_group_name_Hall            ? 
# 
loop_
_entity.id 
_entity.type 
_entity.src_method 
_entity.pdbx_description 
_entity.formula_weight 
_entity.pdbx_number_of_molecules 
_entity.pdbx_ec 
_entity.pdbx_mutation 
_entity.pdbx_fragment 
_entity.details 
1 polymer     syn 
;DNA (5'-D(*DGP*DCP*DGP*DAP*DAP*DAP*DGP*DC)-3')
;
2460.644 1  ? ? ? ? 
2 non-polymer syn 'MAGNESIUM ION'                                  24.305   2  ? ? ? ? 
3 water       nat water                                            18.015   72 ? ? ? ? 
# 
_entity_poly.entity_id                      1 
_entity_poly.type                           polydeoxyribonucleotide 
_entity_poly.nstd_linkage                   no 
_entity_poly.nstd_monomer                   no 
_entity_poly.pdbx_seq_one_letter_code       '(DG)(DC)(DG)(DA)(DA)(DA)(DG)(DC)' 
_entity_poly.pdbx_seq_one_letter_code_can   GCGAAAGC 
_entity_poly.pdbx_strand_id                 A 
_entity_poly.pdbx_target_identifier         ? 
# 
loop_
_entity_poly_seq.entity_id 
_entity_poly_seq.num 
_entity_poly_seq.mon_id 
_entity_poly_seq.hetero 
1 1 DG n 
1 2 DC n 
1 3 DG n 
1 4 DA n 
1 5 DA n 
1 6 DA n 
1 7 DG n 
1 8 DC n 
# 
_pdbx_entity_src_syn.entity_id              1 
_pdbx_entity_src_syn.pdbx_src_id            1 
_pdbx_entity_src_syn.pdbx_alt_source_flag   sample 
_pdbx_entity_src_syn.pdbx_beg_seq_num       ? 
_pdbx_entity_src_syn.pdbx_end_seq_num       ? 
_pdbx_entity_src_syn.organism_scientific    ? 
_pdbx_entity_src_syn.organism_common_name   ? 
_pdbx_entity_src_syn.ncbi_taxonomy_id       ? 
_pdbx_entity_src_syn.details                'chemically synthesized' 
# 
_struct_ref.id                         1 
_struct_ref.entity_id                  1 
_struct_ref.db_name                    PDB 
_struct_ref.db_code                    2DZ7 
_struct_ref.pdbx_db_accession          2DZ7 
_struct_ref.pdbx_align_begin           ? 
_struct_ref.pdbx_seq_one_letter_code   ? 
_struct_ref.pdbx_db_isoform            ? 
# 
_struct_ref_seq.align_id                      1 
_struct_ref_seq.ref_id                        1 
_struct_ref_seq.pdbx_PDB_id_code              2DZ7 
_struct_ref_seq.pdbx_strand_id                A 
_struct_ref_seq.seq_align_beg                 1 
_struct_ref_seq.pdbx_seq_align_beg_ins_code   ? 
_struct_ref_seq.seq_align_end                 8 
_struct_ref_seq.pdbx_seq_align_end_ins_code   ? 
_struct_ref_seq.pdbx_db_accession             2DZ7 
_struct_ref_seq.db_align_beg                  1 
_struct_ref_seq.pdbx_db_align_beg_ins_code    ? 
_struct_ref_seq.db_align_end                  8 
_struct_ref_seq.pdbx_db_align_end_ins_code    ? 
_struct_ref_seq.pdbx_auth_seq_align_beg       1 
_struct_ref_seq.pdbx_auth_seq_align_end       8 
# 
loop_
_chem_comp.id 
_chem_comp.type 
_chem_comp.mon_nstd_flag 
_chem_comp.name 
_chem_comp.pdbx_synonyms 
_chem_comp.formula 
_chem_comp.formula_weight 
DA  'DNA linking' y "2'-DEOXYADENOSINE-5'-MONOPHOSPHATE" ? 'C10 H14 N5 O6 P' 331.222 
DC  'DNA linking' y "2'-DEOXYCYTIDINE-5'-MONOPHOSPHATE"  ? 'C9 H14 N3 O7 P'  307.197 
DG  'DNA linking' y "2'-DEOXYGUANOSINE-5'-MONOPHOSPHATE" ? 'C10 H14 N5 O7 P' 347.221 
HOH non-polymer   . WATER                                ? 'H2 O'            18.015  
MG  non-polymer   . 'MAGNESIUM ION'                      ? 'Mg 2'            24.305  
# 
_exptl.entry_id          2DZ7 
_exptl.method            'X-RAY DIFFRACTION' 
_exptl.crystals_number   1 
# 
_exptl_crystal.id                    1 
_exptl_crystal.density_meas          ? 
_exptl_crystal.density_Matthews      2.12 
_exptl_crystal.density_percent_sol   41.87 
_exptl_crystal.description           ? 
_exptl_crystal.F_000                 ? 
_exptl_crystal.preparation           ? 
# 
_exptl_crystal_grow.crystal_id      1 
_exptl_crystal_grow.method          'VAPOR DIFFUSION, HANGING DROP' 
_exptl_crystal_grow.temp            277 
_exptl_crystal_grow.temp_details    ? 
_exptl_crystal_grow.pH              6.0 
_exptl_crystal_grow.pdbx_details    
;sodium chloride, magnesium chloride, spermine 4HCl, 2-methyl-2,4-pentanediol, sodium cacodylate, pH 6.0, VAPOR DIFFUSION, HANGING DROP, temperature 277K
;
_exptl_crystal_grow.pdbx_pH_range   . 
# 
loop_
_exptl_crystal_grow_comp.crystal_id 
_exptl_crystal_grow_comp.id 
_exptl_crystal_grow_comp.sol_id 
_exptl_crystal_grow_comp.name 
_exptl_crystal_grow_comp.volume 
_exptl_crystal_grow_comp.conc 
_exptl_crystal_grow_comp.details 
1 1  1 'sodium chloride'        ? ? ? 
1 2  1 'magnesium chloride'     ? ? ? 
1 3  1 'spermine 4HCl'          ? ? ? 
1 4  1 2-methyl-2,4-pentanediol ? ? ? 
1 5  1 'sodium cacodylate'      ? ? ? 
1 6  1 HOH                      ? ? ? 
1 7  2 'sodium chloride'        ? ? ? 
1 8  2 'magnesium chloride'     ? ? ? 
1 9  2 'sodium cacodylate'      ? ? ? 
1 10 2 HOH                      ? ? ? 
# 
_diffrn.id                     1 
_diffrn.ambient_temp           100 
_diffrn.ambient_temp_details   ? 
_diffrn.crystal_id             1 
# 
_diffrn_detector.diffrn_id              1 
_diffrn_detector.detector               CCD 
_diffrn_detector.type                   'ADSC QUANTUM 4' 
_diffrn_detector.pdbx_collection_date   2001-10-21 
_diffrn_detector.details                ? 
# 
_diffrn_radiation.diffrn_id                        1 
_diffrn_radiation.wavelength_id                    1 
_diffrn_radiation.pdbx_monochromatic_or_laue_m_l   M 
_diffrn_radiation.monochromator                    ? 
_diffrn_radiation.pdbx_diffrn_protocol             'SINGLE WAVELENGTH' 
_diffrn_radiation.pdbx_scattering_type             x-ray 
# 
_diffrn_radiation_wavelength.id           1 
_diffrn_radiation_wavelength.wavelength   1.0 
_diffrn_radiation_wavelength.wt           1.0 
# 
_diffrn_source.diffrn_id                   1 
_diffrn_source.source                      SYNCHROTRON 
_diffrn_source.type                        'PHOTON FACTORY BEAMLINE BL-18B' 
_diffrn_source.pdbx_synchrotron_site       'Photon Factory' 
_diffrn_source.pdbx_synchrotron_beamline   BL-18B 
_diffrn_source.pdbx_wavelength             ? 
_diffrn_source.pdbx_wavelength_list        1.0 
# 
_reflns.entry_id                     2DZ7 
_reflns.observed_criterion_sigma_I   ? 
_reflns.observed_criterion_sigma_F   ? 
_reflns.d_resolution_low             60 
_reflns.d_resolution_high            1.58 
_reflns.number_obs                   3359 
_reflns.number_all                   ? 
_reflns.percent_possible_obs         99.9 
_reflns.pdbx_Rmerge_I_obs            0.063 
_reflns.pdbx_Rsym_value              ? 
_reflns.pdbx_netI_over_sigmaI        15.3 
_reflns.B_iso_Wilson_estimate        11.5 
_reflns.pdbx_redundancy              10.7 
_reflns.R_free_details               ? 
_reflns.pdbx_chi_squared             ? 
_reflns.pdbx_scaling_rejects         ? 
_reflns.pdbx_ordinal                 1 
_reflns.pdbx_diffrn_id               1 
# 
_reflns_shell.d_res_high             1.58 
_reflns_shell.d_res_low              1.64 
_reflns_shell.percent_possible_all   99.4 
_reflns_shell.Rmerge_I_obs           0.305 
_reflns_shell.pdbx_Rsym_value        ? 
_reflns_shell.meanI_over_sigI_obs    3.3 
_reflns_shell.pdbx_redundancy        6.2 
_reflns_shell.percent_possible_obs   ? 
_reflns_shell.number_unique_all      ? 
_reflns_shell.number_measured_all    ? 
_reflns_shell.number_measured_obs    ? 
_reflns_shell.number_unique_obs      ? 
_reflns_shell.pdbx_chi_squared       ? 
_reflns_shell.pdbx_ordinal           1 
_reflns_shell.pdbx_diffrn_id         1 
# 
_refine.entry_id                                 2DZ7 
_refine.ls_number_reflns_obs                     2764 
_refine.ls_number_reflns_all                     3359 
_refine.pdbx_ls_sigma_I                          ? 
_refine.pdbx_ls_sigma_F                          3.0 
_refine.pdbx_data_cutoff_high_absF               772275.75 
_refine.pdbx_data_cutoff_low_absF                0.000000 
_refine.pdbx_data_cutoff_high_rms_absF           ? 
_refine.ls_d_res_low                             8.00 
_refine.ls_d_res_high                            1.60 
_refine.ls_percent_reflns_obs                    88.0 
_refine.ls_R_factor_obs                          0.19 
_refine.ls_R_factor_all                          ? 
_refine.ls_R_factor_R_work                       0.19 
_refine.ls_R_factor_R_free                       0.211 
_refine.ls_R_factor_R_free_error                 0.013 
_refine.ls_R_factor_R_free_error_details         ? 
_refine.ls_percent_reflns_R_free                 9.8 
_refine.ls_number_reflns_R_free                  270 
_refine.ls_number_parameters                     ? 
_refine.ls_number_restraints                     ? 
_refine.occupancy_min                            ? 
_refine.occupancy_max                            ? 
_refine.correlation_coeff_Fo_to_Fc               ? 
_refine.correlation_coeff_Fo_to_Fc_free          ? 
_refine.B_iso_mean                               32.3 
_refine.aniso_B[1][1]                            3.65 
_refine.aniso_B[2][2]                            3.65 
_refine.aniso_B[3][3]                            -7.30 
_refine.aniso_B[1][2]                            0.00 
_refine.aniso_B[1][3]                            0.00 
_refine.aniso_B[2][3]                            0.00 
_refine.solvent_model_details                    'FLAT MODEL' 
_refine.solvent_model_param_ksol                 0.455882 
_refine.solvent_model_param_bsol                 68.6892 
_refine.pdbx_solvent_vdw_probe_radii             ? 
_refine.pdbx_solvent_ion_probe_radii             ? 
_refine.pdbx_solvent_shrinkage_radii             ? 
_refine.pdbx_ls_cross_valid_method               THROUGHOUT 
_refine.details                                  'The structure was refined also with Refmac5' 
_refine.pdbx_starting_model                      '1UE3(PDB code)' 
_refine.pdbx_method_to_determine_struct          'MOLECULAR REPLACEMENT' 
_refine.pdbx_isotropic_thermal_model             RESTRAINED 
_refine.pdbx_stereochemistry_target_values       ? 
_refine.pdbx_stereochem_target_val_spec_case     ? 
_refine.pdbx_R_Free_selection_details            RANDOM 
_refine.pdbx_overall_ESU_R                       ? 
_refine.pdbx_overall_ESU_R_Free                  ? 
_refine.overall_SU_ML                            ? 
_refine.overall_SU_B                             ? 
_refine.ls_redundancy_reflns_obs                 ? 
_refine.overall_SU_R_Cruickshank_DPI             ? 
_refine.overall_SU_R_free                        ? 
_refine.ls_wR_factor_R_free                      ? 
_refine.ls_wR_factor_R_work                      ? 
_refine.overall_FOM_free_R_set                   ? 
_refine.overall_FOM_work_R_set                   ? 
_refine.pdbx_refine_id                           'X-RAY DIFFRACTION' 
_refine.pdbx_overall_phase_error                 ? 
_refine.pdbx_diffrn_id                           1 
_refine.pdbx_TLS_residual_ADP_flag               ? 
_refine.pdbx_overall_SU_R_free_Cruickshank_DPI   ? 
_refine.pdbx_overall_SU_R_Blow_DPI               ? 
_refine.pdbx_overall_SU_R_free_Blow_DPI          ? 
# 
_refine_analyze.entry_id                        2DZ7 
_refine_analyze.Luzzati_coordinate_error_obs    0.18 
_refine_analyze.Luzzati_sigma_a_obs             0.10 
_refine_analyze.Luzzati_d_res_low_obs           5.00 
_refine_analyze.Luzzati_coordinate_error_free   0.22 
_refine_analyze.Luzzati_sigma_a_free            0.15 
_refine_analyze.Luzzati_d_res_low_free          ? 
_refine_analyze.number_disordered_residues      ? 
_refine_analyze.occupancy_sum_hydrogen          ? 
_refine_analyze.occupancy_sum_non_hydrogen      ? 
_refine_analyze.pdbx_refine_id                  'X-RAY DIFFRACTION' 
# 
_refine_hist.pdbx_refine_id                   'X-RAY DIFFRACTION' 
_refine_hist.cycle_id                         LAST 
_refine_hist.pdbx_number_atoms_protein        0 
_refine_hist.pdbx_number_atoms_nucleic_acid   164 
_refine_hist.pdbx_number_atoms_ligand         2 
_refine_hist.number_atoms_solvent             72 
_refine_hist.number_atoms_total               238 
_refine_hist.d_res_high                       1.60 
_refine_hist.d_res_low                        8.00 
# 
loop_
_refine_ls_restr.type 
_refine_ls_restr.dev_ideal 
_refine_ls_restr.dev_ideal_target 
_refine_ls_restr.weight 
_refine_ls_restr.number 
_refine_ls_restr.pdbx_refine_id 
_refine_ls_restr.pdbx_restraint_function 
c_bond_d                0.013 ? ? ? 'X-RAY DIFFRACTION' ? 
c_bond_d_na             ?     ? ? ? 'X-RAY DIFFRACTION' ? 
c_bond_d_prot           ?     ? ? ? 'X-RAY DIFFRACTION' ? 
c_angle_d               ?     ? ? ? 'X-RAY DIFFRACTION' ? 
c_angle_d_na            ?     ? ? ? 'X-RAY DIFFRACTION' ? 
c_angle_d_prot          ?     ? ? ? 'X-RAY DIFFRACTION' ? 
c_angle_deg             2.1   ? ? ? 'X-RAY DIFFRACTION' ? 
c_angle_deg_na          ?     ? ? ? 'X-RAY DIFFRACTION' ? 
c_angle_deg_prot        ?     ? ? ? 'X-RAY DIFFRACTION' ? 
c_dihedral_angle_d      22.2  ? ? ? 'X-RAY DIFFRACTION' ? 
c_dihedral_angle_d_na   ?     ? ? ? 'X-RAY DIFFRACTION' ? 
c_dihedral_angle_d_prot ?     ? ? ? 'X-RAY DIFFRACTION' ? 
c_improper_angle_d      1.47  ? ? ? 'X-RAY DIFFRACTION' ? 
c_improper_angle_d_na   ?     ? ? ? 'X-RAY DIFFRACTION' ? 
c_improper_angle_d_prot ?     ? ? ? 'X-RAY DIFFRACTION' ? 
c_mcbond_it             ?     ? ? ? 'X-RAY DIFFRACTION' ? 
c_mcangle_it            ?     ? ? ? 'X-RAY DIFFRACTION' ? 
c_scbond_it             ?     ? ? ? 'X-RAY DIFFRACTION' ? 
c_scangle_it            ?     ? ? ? 'X-RAY DIFFRACTION' ? 
# 
_refine_ls_shell.pdbx_total_number_of_bins_used   6 
_refine_ls_shell.d_res_high                       1.60 
_refine_ls_shell.d_res_low                        1.70 
_refine_ls_shell.number_reflns_R_work             304 
_refine_ls_shell.R_factor_R_work                  0.2 
_refine_ls_shell.percent_reflns_obs               67.2 
_refine_ls_shell.R_factor_R_free                  0.282 
_refine_ls_shell.R_factor_R_free_error            0.048 
_refine_ls_shell.percent_reflns_R_free            10.1 
_refine_ls_shell.number_reflns_R_free             34 
_refine_ls_shell.number_reflns_all                ? 
_refine_ls_shell.R_factor_all                     ? 
_refine_ls_shell.number_reflns_obs                ? 
_refine_ls_shell.redundancy_reflns_obs            ? 
_refine_ls_shell.pdbx_refine_id                   'X-RAY DIFFRACTION' 
# 
loop_
_pdbx_xplor_file.serial_no 
_pdbx_xplor_file.param_file 
_pdbx_xplor_file.topol_file 
_pdbx_xplor_file.pdbx_refine_id 
1 dna-rna_rep.param ? 'X-RAY DIFFRACTION' 
2 ion.param         ? 'X-RAY DIFFRACTION' 
3 water_rep.param   ? 'X-RAY DIFFRACTION' 
4 mg_o6.param       ? 'X-RAY DIFFRACTION' 
# 
_struct.entry_id                  2DZ7 
_struct.title                     
'DNA Octaplex Formation with an I-Motif of A-Quartets: The Revised Crystal Structure of d(GCGAAAGC)' 
_struct.pdbx_model_details        ? 
_struct.pdbx_CASP_flag            ? 
_struct.pdbx_model_type_details   ? 
# 
_struct_keywords.entry_id        2DZ7 
_struct_keywords.pdbx_keywords   DNA 
_struct_keywords.text            'A-quartet, DNA octaplex, non-coding DNA, VNTR, DNA' 
# 
loop_
_struct_asym.id 
_struct_asym.pdbx_blank_PDB_chainid_flag 
_struct_asym.pdbx_modified 
_struct_asym.entity_id 
_struct_asym.details 
A N N 1 ? 
B N N 2 ? 
C N N 2 ? 
D N N 3 ? 
# 
loop_
_struct_conn.id 
_struct_conn.conn_type_id 
_struct_conn.pdbx_leaving_atom_flag 
_struct_conn.pdbx_PDB_id 
_struct_conn.ptnr1_label_asym_id 
_struct_conn.ptnr1_label_comp_id 
_struct_conn.ptnr1_label_seq_id 
_struct_conn.ptnr1_label_atom_id 
_struct_conn.pdbx_ptnr1_label_alt_id 
_struct_conn.pdbx_ptnr1_PDB_ins_code 
_struct_conn.pdbx_ptnr1_standard_comp_id 
_struct_conn.ptnr1_symmetry 
_struct_conn.ptnr2_label_asym_id 
_struct_conn.ptnr2_label_comp_id 
_struct_conn.ptnr2_label_seq_id 
_struct_conn.ptnr2_label_atom_id 
_struct_conn.pdbx_ptnr2_label_alt_id 
_struct_conn.pdbx_ptnr2_PDB_ins_code 
_struct_conn.ptnr1_auth_asym_id 
_struct_conn.ptnr1_auth_comp_id 
_struct_conn.ptnr1_auth_seq_id 
_struct_conn.ptnr2_auth_asym_id 
_struct_conn.ptnr2_auth_comp_id 
_struct_conn.ptnr2_auth_seq_id 
_struct_conn.ptnr2_symmetry 
_struct_conn.pdbx_ptnr3_label_atom_id 
_struct_conn.pdbx_ptnr3_label_seq_id 
_struct_conn.pdbx_ptnr3_label_comp_id 
_struct_conn.pdbx_ptnr3_label_asym_id 
_struct_conn.pdbx_ptnr3_label_alt_id 
_struct_conn.pdbx_ptnr3_PDB_ins_code 
_struct_conn.details 
_struct_conn.pdbx_dist_value 
_struct_conn.pdbx_value_order 
_struct_conn.pdbx_role 
metalc1  metalc ? ? C MG . MG ? ? ? 1_555 D HOH . O  ? ? A MG 1001 A HOH 1002 1_555 ? ? ? ? ? ? ?            2.059 ? ? 
metalc2  metalc ? ? C MG . MG ? ? ? 1_555 D HOH . O  ? ? A MG 1001 A HOH 1003 1_555 ? ? ? ? ? ? ?            2.060 ? ? 
metalc3  metalc ? ? C MG . MG ? ? ? 1_555 D HOH . O  ? ? A MG 1001 A HOH 1004 1_555 ? ? ? ? ? ? ?            2.059 ? ? 
metalc4  metalc ? ? C MG . MG ? ? ? 1_555 D HOH . O  ? ? A MG 1001 A HOH 1005 1_555 ? ? ? ? ? ? ?            2.060 ? ? 
metalc5  metalc ? ? C MG . MG ? ? ? 1_555 D HOH . O  ? ? A MG 1001 A HOH 1006 1_555 ? ? ? ? ? ? ?            2.059 ? ? 
metalc6  metalc ? ? C MG . MG ? ? ? 1_555 D HOH . O  ? ? A MG 1001 A HOH 1007 1_555 ? ? ? ? ? ? ?            2.059 ? ? 
metalc7  metalc ? ? B MG . MG ? ? ? 1_555 D HOH . O  ? ? A MG 2001 A HOH 2044 1_555 ? ? ? ? ? ? ?            2.117 ? ? 
metalc8  metalc ? ? B MG . MG ? ? ? 1_555 D HOH . O  ? ? A MG 2001 A HOH 2044 4_665 ? ? ? ? ? ? ?            2.117 ? ? 
metalc9  metalc ? ? B MG . MG ? ? ? 1_555 D HOH . O  ? ? A MG 2001 A HOH 2044 2_755 ? ? ? ? ? ? ?            2.117 ? ? 
metalc10 metalc ? ? B MG . MG ? ? ? 1_555 D HOH . O  ? ? A MG 2001 A HOH 2044 3_645 ? ? ? ? ? ? ?            2.117 ? ? 
hydrog1  hydrog ? ? A DG 1 N1 ? ? ? 1_555 A DC  8 N3 ? ? A DG 1    A DC  8    8_666 ? ? ? ? ? ? WATSON-CRICK ?     ? ? 
hydrog2  hydrog ? ? A DG 1 N2 ? ? ? 1_555 A DC  8 O2 ? ? A DG 1    A DC  8    8_666 ? ? ? ? ? ? WATSON-CRICK ?     ? ? 
hydrog3  hydrog ? ? A DG 1 O6 ? ? ? 1_555 A DC  8 N4 ? ? A DG 1    A DC  8    8_666 ? ? ? ? ? ? WATSON-CRICK ?     ? ? 
hydrog4  hydrog ? ? A DC 2 N3 ? ? ? 1_555 A DG  7 N1 ? ? A DC 2    A DG  7    8_666 ? ? ? ? ? ? WATSON-CRICK ?     ? ? 
hydrog5  hydrog ? ? A DC 2 N4 ? ? ? 1_555 A DG  7 O6 ? ? A DC 2    A DG  7    8_666 ? ? ? ? ? ? WATSON-CRICK ?     ? ? 
hydrog6  hydrog ? ? A DC 2 O2 ? ? ? 1_555 A DG  7 N2 ? ? A DC 2    A DG  7    8_666 ? ? ? ? ? ? WATSON-CRICK ?     ? ? 
hydrog7  hydrog ? ? A DG 3 N2 ? ? ? 1_555 A DA  6 N7 ? ? A DG 3    A DA  6    8_666 ? ? ? ? ? ? TYPE_11_PAIR ?     ? ? 
hydrog8  hydrog ? ? A DG 3 N3 ? ? ? 1_555 A DA  6 N6 ? ? A DG 3    A DA  6    8_666 ? ? ? ? ? ? TYPE_11_PAIR ?     ? ? 
hydrog9  hydrog ? ? A DA 6 N6 ? ? ? 1_555 A DG  3 N3 ? ? A DA 6    A DG  3    8_666 ? ? ? ? ? ? TYPE_11_PAIR ?     ? ? 
hydrog10 hydrog ? ? A DA 6 N7 ? ? ? 1_555 A DG  3 N2 ? ? A DA 6    A DG  3    8_666 ? ? ? ? ? ? TYPE_11_PAIR ?     ? ? 
hydrog11 hydrog ? ? A DG 7 N1 ? ? ? 1_555 A DC  2 N3 ? ? A DG 7    A DC  2    8_666 ? ? ? ? ? ? WATSON-CRICK ?     ? ? 
hydrog12 hydrog ? ? A DG 7 N2 ? ? ? 1_555 A DC  2 O2 ? ? A DG 7    A DC  2    8_666 ? ? ? ? ? ? WATSON-CRICK ?     ? ? 
hydrog13 hydrog ? ? A DG 7 O6 ? ? ? 1_555 A DC  2 N4 ? ? A DG 7    A DC  2    8_666 ? ? ? ? ? ? WATSON-CRICK ?     ? ? 
hydrog14 hydrog ? ? A DC 8 N3 ? ? ? 1_555 A DG  1 N1 ? ? A DC 8    A DG  1    8_666 ? ? ? ? ? ? WATSON-CRICK ?     ? ? 
hydrog15 hydrog ? ? A DC 8 N4 ? ? ? 1_555 A DG  1 O6 ? ? A DC 8    A DG  1    8_666 ? ? ? ? ? ? WATSON-CRICK ?     ? ? 
hydrog16 hydrog ? ? A DC 8 O2 ? ? ? 1_555 A DG  1 N2 ? ? A DC 8    A DG  1    8_666 ? ? ? ? ? ? WATSON-CRICK ?     ? ? 
# 
loop_
_struct_conn_type.id 
_struct_conn_type.criteria 
_struct_conn_type.reference 
metalc ? ? 
hydrog ? ? 
# 
loop_
_struct_site.id 
_struct_site.pdbx_evidence_code 
_struct_site.pdbx_auth_asym_id 
_struct_site.pdbx_auth_comp_id 
_struct_site.pdbx_auth_seq_id 
_struct_site.pdbx_auth_ins_code 
_struct_site.pdbx_num_residues 
_struct_site.details 
AC1 Software A MG 2001 ? 4 'BINDING SITE FOR RESIDUE MG A 2001' 
AC2 Software A MG 1001 ? 6 'BINDING SITE FOR RESIDUE MG A 1001' 
# 
loop_
_struct_site_gen.id 
_struct_site_gen.site_id 
_struct_site_gen.pdbx_num_res 
_struct_site_gen.label_comp_id 
_struct_site_gen.label_asym_id 
_struct_site_gen.label_seq_id 
_struct_site_gen.pdbx_auth_ins_code 
_struct_site_gen.auth_comp_id 
_struct_site_gen.auth_asym_id 
_struct_site_gen.auth_seq_id 
_struct_site_gen.label_atom_id 
_struct_site_gen.label_alt_id 
_struct_site_gen.symmetry 
_struct_site_gen.details 
1  AC1 4 HOH D . ? HOH A 2044 . ? 3_645 ? 
2  AC1 4 HOH D . ? HOH A 2044 . ? 1_555 ? 
3  AC1 4 HOH D . ? HOH A 2044 . ? 2_755 ? 
4  AC1 4 HOH D . ? HOH A 2044 . ? 4_665 ? 
5  AC2 6 HOH D . ? HOH A 1002 . ? 1_555 ? 
6  AC2 6 HOH D . ? HOH A 1003 . ? 1_555 ? 
7  AC2 6 HOH D . ? HOH A 1004 . ? 1_555 ? 
8  AC2 6 HOH D . ? HOH A 1005 . ? 1_555 ? 
9  AC2 6 HOH D . ? HOH A 1006 . ? 1_555 ? 
10 AC2 6 HOH D . ? HOH A 1007 . ? 1_555 ? 
# 
_atom_sites.entry_id                    2DZ7 
_atom_sites.fract_transf_matrix[1][1]   0.02440441 
_atom_sites.fract_transf_matrix[1][2]   -0.00113857 
_atom_sites.fract_transf_matrix[1][3]   -0.01171381 
_atom_sites.fract_transf_matrix[2][1]   0.00097751 
_atom_sites.fract_transf_matrix[2][2]   -0.02667764 
_atom_sites.fract_transf_matrix[2][3]   0.00462957 
_atom_sites.fract_transf_matrix[3][1]   -0.00672819 
_atom_sites.fract_transf_matrix[3][2]   -0.00263465 
_atom_sites.fract_transf_matrix[3][3]   -0.01376136 
_atom_sites.fract_transf_vector[1]      0.770763 
_atom_sites.fract_transf_vector[2]      0.200031 
_atom_sites.fract_transf_vector[3]      0.546489 
# 
loop_
_atom_type.symbol 
C  
MG 
N  
O  
P  
# 
loop_
_atom_site.group_PDB 
_atom_site.id 
_atom_site.type_symbol 
_atom_site.label_atom_id 
_atom_site.label_alt_id 
_atom_site.label_comp_id 
_atom_site.label_asym_id 
_atom_site.label_entity_id 
_atom_site.label_seq_id 
_atom_site.pdbx_PDB_ins_code 
_atom_site.Cartn_x 
_atom_site.Cartn_y 
_atom_site.Cartn_z 
_atom_site.occupancy 
_atom_site.B_iso_or_equiv 
_atom_site.pdbx_formal_charge 
_atom_site.auth_seq_id 
_atom_site.auth_comp_id 
_atom_site.auth_asym_id 
_atom_site.auth_atom_id 
_atom_site.pdbx_PDB_model_num 
ATOM   1   O  "O5'" . DG  A 1 1 ? -4.849  2.247   -16.373 1.00 39.88 ? 1    DG  A "O5'" 1 
ATOM   2   C  "C5'" . DG  A 1 1 ? -3.791  2.899   -15.615 1.00 26.44 ? 1    DG  A "C5'" 1 
ATOM   3   C  "C4'" . DG  A 1 1 ? -4.423  3.954   -14.729 1.00 23.94 ? 1    DG  A "C4'" 1 
ATOM   4   O  "O4'" . DG  A 1 1 ? -5.317  3.357   -13.755 1.00 25.91 ? 1    DG  A "O4'" 1 
ATOM   5   C  "C3'" . DG  A 1 1 ? -3.454  4.734   -13.879 1.00 23.15 ? 1    DG  A "C3'" 1 
ATOM   6   O  "O3'" . DG  A 1 1 ? -4.140  6.000   -13.671 1.00 29.58 ? 1    DG  A "O3'" 1 
ATOM   7   C  "C2'" . DG  A 1 1 ? -3.341  3.917   -12.599 1.00 24.85 ? 1    DG  A "C2'" 1 
ATOM   8   C  "C1'" . DG  A 1 1 ? -4.758  3.384   -12.450 1.00 22.45 ? 1    DG  A "C1'" 1 
ATOM   9   N  N9    . DG  A 1 1 ? -4.829  2.036   -11.924 1.00 21.46 ? 1    DG  A N9    1 
ATOM   10  C  C8    . DG  A 1 1 ? -3.984  0.990   -12.225 1.00 27.03 ? 1    DG  A C8    1 
ATOM   11  N  N7    . DG  A 1 1 ? -4.334  -0.143  -11.636 1.00 18.13 ? 1    DG  A N7    1 
ATOM   12  C  C5    . DG  A 1 1 ? -5.473  0.201   -10.895 1.00 16.86 ? 1    DG  A C5    1 
ATOM   13  C  C6    . DG  A 1 1 ? -6.297  -0.602  -10.070 1.00 19.53 ? 1    DG  A C6    1 
ATOM   14  O  O6    . DG  A 1 1 ? -6.166  -1.796  -9.756  1.00 21.64 ? 1    DG  A O6    1 
ATOM   15  N  N1    . DG  A 1 1 ? -7.341  0.125   -9.530  1.00 18.17 ? 1    DG  A N1    1 
ATOM   16  C  C2    . DG  A 1 1 ? -7.597  1.451   -9.772  1.00 24.61 ? 1    DG  A C2    1 
ATOM   17  N  N2    . DG  A 1 1 ? -8.674  1.999   -9.166  1.00 23.97 ? 1    DG  A N2    1 
ATOM   18  N  N3    . DG  A 1 1 ? -6.842  2.204   -10.560 1.00 20.81 ? 1    DG  A N3    1 
ATOM   19  C  C4    . DG  A 1 1 ? -5.799  1.517   -11.083 1.00 19.00 ? 1    DG  A C4    1 
ATOM   20  P  P     . DC  A 1 2 ? -3.416  7.215   -12.916 1.00 28.89 ? 2    DC  A P     1 
ATOM   21  O  OP1   . DC  A 1 2 ? -4.022  8.411   -13.557 1.00 32.04 ? 2    DC  A OP1   1 
ATOM   22  O  OP2   . DC  A 1 2 ? -1.965  7.027   -12.853 1.00 27.21 ? 2    DC  A OP2   1 
ATOM   23  O  "O5'" . DC  A 1 2 ? -3.888  7.149   -11.403 1.00 25.20 ? 2    DC  A "O5'" 1 
ATOM   24  C  "C5'" . DC  A 1 2 ? -5.242  7.414   -11.074 1.00 18.17 ? 2    DC  A "C5'" 1 
ATOM   25  C  "C4'" . DC  A 1 2 ? -5.469  7.118   -9.619  1.00 18.24 ? 2    DC  A "C4'" 1 
ATOM   26  O  "O4'" . DC  A 1 2 ? -5.383  5.671   -9.443  1.00 20.59 ? 2    DC  A "O4'" 1 
ATOM   27  C  "C3'" . DC  A 1 2 ? -4.399  7.671   -8.683  1.00 19.11 ? 2    DC  A "C3'" 1 
ATOM   28  O  "O3'" . DC  A 1 2 ? -5.067  8.389   -7.649  1.00 25.14 ? 2    DC  A "O3'" 1 
ATOM   29  C  "C2'" . DC  A 1 2 ? -3.664  6.439   -8.131  1.00 20.86 ? 2    DC  A "C2'" 1 
ATOM   30  C  "C1'" . DC  A 1 2 ? -4.815  5.429   -8.200  1.00 17.26 ? 2    DC  A "C1'" 1 
ATOM   31  N  N1    . DC  A 1 2 ? -4.393  4.023   -8.242  1.00 19.47 ? 2    DC  A N1    1 
ATOM   32  C  C2    . DC  A 1 2 ? -5.252  3.096   -7.611  1.00 22.20 ? 2    DC  A C2    1 
ATOM   33  O  O2    . DC  A 1 2 ? -6.283  3.501   -7.078  1.00 19.41 ? 2    DC  A O2    1 
ATOM   34  N  N3    . DC  A 1 2 ? -4.897  1.806   -7.638  1.00 18.20 ? 2    DC  A N3    1 
ATOM   35  C  C4    . DC  A 1 2 ? -3.780  1.423   -8.238  1.00 17.79 ? 2    DC  A C4    1 
ATOM   36  N  N4    . DC  A 1 2 ? -3.478  0.116   -8.217  1.00 16.21 ? 2    DC  A N4    1 
ATOM   37  C  C5    . DC  A 1 2 ? -2.905  2.342   -8.894  1.00 19.24 ? 2    DC  A C5    1 
ATOM   38  C  C6    . DC  A 1 2 ? -3.247  3.639   -8.885  1.00 19.63 ? 2    DC  A C6    1 
ATOM   39  P  P     . DG  A 1 3 ? -4.266  9.209   -6.549  1.00 24.80 ? 3    DG  A P     1 
ATOM   40  O  OP1   . DG  A 1 3 ? -5.249  10.260  -6.209  1.00 27.13 ? 3    DG  A OP1   1 
ATOM   41  O  OP2   . DG  A 1 3 ? -2.871  9.503   -6.998  1.00 25.38 ? 3    DG  A OP2   1 
ATOM   42  O  "O5'" . DG  A 1 3 ? -4.154  8.172   -5.349  1.00 24.37 ? 3    DG  A "O5'" 1 
ATOM   43  C  "C5'" . DG  A 1 3 ? -5.334  7.659   -4.714  1.00 19.72 ? 3    DG  A "C5'" 1 
ATOM   44  C  "C4'" . DG  A 1 3 ? -4.989  6.458   -3.869  1.00 24.65 ? 3    DG  A "C4'" 1 
ATOM   45  O  "O4'" . DG  A 1 3 ? -4.259  5.514   -4.707  1.00 18.96 ? 3    DG  A "O4'" 1 
ATOM   46  C  "C3'" . DG  A 1 3 ? -4.118  6.771   -2.669  1.00 20.26 ? 3    DG  A "C3'" 1 
ATOM   47  O  "O3'" . DG  A 1 3 ? -4.569  5.948   -1.592  1.00 23.69 ? 3    DG  A "O3'" 1 
ATOM   48  C  "C2'" . DG  A 1 3 ? -2.751  6.347   -3.167  1.00 24.21 ? 3    DG  A "C2'" 1 
ATOM   49  C  "C1'" . DG  A 1 3 ? -3.121  5.108   -3.996  1.00 15.57 ? 3    DG  A "C1'" 1 
ATOM   50  N  N9    . DG  A 1 3 ? -2.080  4.751   -4.942  1.00 19.82 ? 3    DG  A N9    1 
ATOM   51  C  C8    . DG  A 1 3 ? -1.195  5.580   -5.614  1.00 17.45 ? 3    DG  A C8    1 
ATOM   52  N  N7    . DG  A 1 3 ? -0.366  4.925   -6.390  1.00 24.59 ? 3    DG  A N7    1 
ATOM   53  C  C5    . DG  A 1 3 ? -0.716  3.579   -6.219  1.00 21.52 ? 3    DG  A C5    1 
ATOM   54  C  C6    . DG  A 1 3 ? -0.157  2.404   -6.778  1.00 19.87 ? 3    DG  A C6    1 
ATOM   55  O  O6    . DG  A 1 3 ? 0.789   2.309   -7.582  1.00 22.05 ? 3    DG  A O6    1 
ATOM   56  N  N1    . DG  A 1 3 ? -0.792  1.252   -6.325  1.00 19.72 ? 3    DG  A N1    1 
ATOM   57  C  C2    . DG  A 1 3 ? -1.858  1.257   -5.467  1.00 18.88 ? 3    DG  A C2    1 
ATOM   58  N  N2    . DG  A 1 3 ? -2.382  0.076   -5.138  1.00 20.26 ? 3    DG  A N2    1 
ATOM   59  N  N3    . DG  A 1 3 ? -2.411  2.345   -4.925  1.00 17.02 ? 3    DG  A N3    1 
ATOM   60  C  C4    . DG  A 1 3 ? -1.756  3.468   -5.336  1.00 20.86 ? 3    DG  A C4    1 
ATOM   61  P  P     . DA  A 1 4 ? -4.092  6.085   -0.079  1.00 24.80 ? 4    DA  A P     1 
ATOM   62  O  OP1   . DA  A 1 4 ? -5.314  6.328   0.724   1.00 29.00 ? 4    DA  A OP1   1 
ATOM   63  O  OP2   . DA  A 1 4 ? -2.896  6.965   0.008   1.00 30.41 ? 4    DA  A OP2   1 
ATOM   64  O  "O5'" . DA  A 1 4 ? -3.671  4.567   0.203   1.00 25.68 ? 4    DA  A "O5'" 1 
ATOM   65  C  "C5'" . DA  A 1 4 ? -4.643  3.561   0.222   1.00 29.16 ? 4    DA  A "C5'" 1 
ATOM   66  C  "C4'" . DA  A 1 4 ? -3.909  2.242   0.044   1.00 23.15 ? 4    DA  A "C4'" 1 
ATOM   67  O  "O4'" . DA  A 1 4 ? -3.268  2.248   -1.231  1.00 21.07 ? 4    DA  A "O4'" 1 
ATOM   68  C  "C3'" . DA  A 1 4 ? -2.761  1.939   0.989   1.00 21.19 ? 4    DA  A "C3'" 1 
ATOM   69  O  "O3'" . DA  A 1 4 ? -3.309  1.362   2.143   1.00 26.36 ? 4    DA  A "O3'" 1 
ATOM   70  C  "C2'" . DA  A 1 4 ? -1.989  0.856   0.230   1.00 19.56 ? 4    DA  A "C2'" 1 
ATOM   71  C  "C1'" . DA  A 1 4 ? -2.224  1.299   -1.201  1.00 26.08 ? 4    DA  A "C1'" 1 
ATOM   72  N  N9    . DA  A 1 4 ? -1.130  1.991   -1.832  1.00 21.90 ? 4    DA  A N9    1 
ATOM   73  C  C8    . DA  A 1 4 ? -0.897  3.325   -1.828  1.00 22.76 ? 4    DA  A C8    1 
ATOM   74  N  N7    . DA  A 1 4 ? 0.173   3.608   -2.534  1.00 22.59 ? 4    DA  A N7    1 
ATOM   75  C  C5    . DA  A 1 4 ? 0.641   2.405   -3.026  1.00 23.58 ? 4    DA  A C5    1 
ATOM   76  C  C6    . DA  A 1 4 ? 1.733   2.062   -3.833  1.00 21.81 ? 4    DA  A C6    1 
ATOM   77  N  N6    . DA  A 1 4 ? 2.572   2.980   -4.306  1.00 31.49 ? 4    DA  A N6    1 
ATOM   78  N  N1    . DA  A 1 4 ? 1.920   0.766   -4.123  1.00 27.36 ? 4    DA  A N1    1 
ATOM   79  C  C2    . DA  A 1 4 ? 1.052   -0.129  -3.644  1.00 36.42 ? 4    DA  A C2    1 
ATOM   80  N  N3    . DA  A 1 4 ? -0.010  0.095   -2.875  1.00 33.71 ? 4    DA  A N3    1 
ATOM   81  C  C4    . DA  A 1 4 ? -0.154  1.388   -2.602  1.00 23.42 ? 4    DA  A C4    1 
ATOM   82  P  P     A DA  A 1 5 ? -2.866  1.885   3.598   0.50 21.79 ? 5    DA  A P     1 
ATOM   83  P  P     B DA  A 1 5 ? -2.947  1.895   3.611   0.50 58.45 ? 5    DA  A P     1 
ATOM   84  O  OP1   A DA  A 1 5 ? -3.676  1.097   4.555   0.50 53.71 ? 5    DA  A OP1   1 
ATOM   85  O  OP1   B DA  A 1 5 ? -4.006  1.317   4.484   0.50 35.12 ? 5    DA  A OP1   1 
ATOM   86  O  OP2   A DA  A 1 5 ? -2.908  3.367   3.575   0.50 54.81 ? 5    DA  A OP2   1 
ATOM   87  O  OP2   B DA  A 1 5 ? -2.669  3.348   3.568   0.50 31.54 ? 5    DA  A OP2   1 
ATOM   88  O  "O5'" A DA  A 1 5 ? -1.335  1.494   3.658   0.50 24.72 ? 5    DA  A "O5'" 1 
ATOM   89  O  "O5'" B DA  A 1 5 ? -1.669  1.048   3.912   0.50 46.18 ? 5    DA  A "O5'" 1 
ATOM   90  C  "C5'" A DA  A 1 5 ? -0.879  0.143   3.781   0.50 54.51 ? 5    DA  A "C5'" 1 
ATOM   91  C  "C5'" B DA  A 1 5 ? -0.381  1.529   3.891   0.50 74.06 ? 5    DA  A "C5'" 1 
ATOM   92  C  "C4'" A DA  A 1 5 ? 0.515   0.069   4.399   0.50 71.52 ? 5    DA  A "C4'" 1 
ATOM   93  C  "C4'" B DA  A 1 5 ? 0.463   0.389   4.403   0.50 38.88 ? 5    DA  A "C4'" 1 
ATOM   94  O  "O4'" A DA  A 1 5 ? 1.465   0.886   3.671   0.50 43.91 ? 5    DA  A "O4'" 1 
ATOM   95  O  "O4'" B DA  A 1 5 ? 1.741   0.491   3.738   0.50 32.26 ? 5    DA  A "O4'" 1 
ATOM   96  C  "C3'" A DA  A 1 5 ? 0.717   0.413   5.869   0.50 70.09 ? 5    DA  A "C3'" 1 
ATOM   97  C  "C3'" B DA  A 1 5 ? 0.757   0.466   5.889   0.50 67.82 ? 5    DA  A "C3'" 1 
ATOM   98  O  "O3'" A DA  A 1 5 ? 1.375   -0.736  6.425   0.50 27.13 ? 5    DA  A "O3'" 1 
ATOM   99  O  "O3'" B DA  A 1 5 ? 1.358   -0.759  6.372   0.50 30.82 ? 5    DA  A "O3'" 1 
ATOM   100 C  "C2'" A DA  A 1 5 ? 1.644   1.624   5.845   0.50 24.72 ? 5    DA  A "C2'" 1 
ATOM   101 C  "C2'" B DA  A 1 5 ? 1.731   1.619   5.859   0.50 38.37 ? 5    DA  A "C2'" 1 
ATOM   102 C  "C1'" A DA  A 1 5 ? 2.428   1.335   4.579   0.50 41.47 ? 5    DA  A "C1'" 1 
ATOM   103 C  "C1'" B DA  A 1 5 ? 2.537   1.260   4.614   0.50 21.74 ? 5    DA  A "C1'" 1 
ATOM   104 N  N9    A DA  A 1 5 ? 3.100   2.440   3.937   0.50 34.78 ? 5    DA  A N9    1 
ATOM   105 N  N9    B DA  A 1 5 ? 3.118   2.394   3.943   0.50 21.53 ? 5    DA  A N9    1 
ATOM   106 C  C8    A DA  A 1 5 ? 2.807   3.764   3.997   0.50 30.19 ? 5    DA  A C8    1 
ATOM   107 C  C8    B DA  A 1 5 ? 2.753   3.694   4.044   0.50 35.25 ? 5    DA  A C8    1 
ATOM   108 N  N7    A DA  A 1 5 ? 3.618   4.502   3.288   0.50 46.04 ? 5    DA  A N7    1 
ATOM   109 N  N7    B DA  A 1 5 ? 3.505   4.493   3.341   0.50 29.57 ? 5    DA  A N7    1 
ATOM   110 C  C5    A DA  A 1 5 ? 4.497   3.614   2.726   0.50 26.36 ? 5    DA  A C5    1 
ATOM   111 C  C5    B DA  A 1 5 ? 4.429   3.667   2.754   0.50 20.50 ? 5    DA  A C5    1 
ATOM   112 C  C6    A DA  A 1 5 ? 5.606   3.775   1.883   0.50 29.98 ? 5    DA  A C6    1 
ATOM   113 C  C6    B DA  A 1 5 ? 5.519   3.905   1.902   0.50 29.47 ? 5    DA  A C6    1 
ATOM   114 N  N6    A DA  A 1 5 ? 6.034   4.952   1.427   0.50 41.66 ? 5    DA  A N6    1 
ATOM   115 N  N6    B DA  A 1 5 ? 5.872   5.110   1.456   0.50 52.48 ? 5    DA  A N6    1 
ATOM   116 N  N1    A DA  A 1 5 ? 6.260   2.663   1.513   0.50 41.10 ? 5    DA  A N1    1 
ATOM   117 N  N1    B DA  A 1 5 ? 6.232   2.842   1.506   0.50 34.01 ? 5    DA  A N1    1 
ATOM   118 C  C2    A DA  A 1 5 ? 5.826   1.471   1.946   0.50 20.11 ? 5    DA  A C2    1 
ATOM   119 C  C2    B DA  A 1 5 ? 5.877   1.612   1.921   0.50 29.56 ? 5    DA  A C2    1 
ATOM   120 N  N3    A DA  A 1 5 ? 4.807   1.204   2.756   0.50 30.36 ? 5    DA  A N3    1 
ATOM   121 N  N3    B DA  A 1 5 ? 4.883   1.270   2.736   0.50 36.53 ? 5    DA  A N3    1 
ATOM   122 C  C4    A DA  A 1 5 ? 4.181   2.332   3.100   0.50 25.55 ? 5    DA  A C4    1 
ATOM   123 C  C4    B DA  A 1 5 ? 4.199   2.360   3.104   0.50 26.70 ? 5    DA  A C4    1 
ATOM   124 P  P     . DA  A 1 6 ? 0.863   -1.339  7.796   1.00 30.84 ? 6    DA  A P     1 
ATOM   125 O  OP1   . DA  A 1 6 ? -0.559  -1.734  7.655   1.00 38.77 ? 6    DA  A OP1   1 
ATOM   126 O  OP2   . DA  A 1 6 ? 1.201   -0.382  8.876   1.00 32.69 ? 6    DA  A OP2   1 
ATOM   127 O  "O5'" . DA  A 1 6 ? 1.772   -2.638  7.922   1.00 25.76 ? 6    DA  A "O5'" 1 
ATOM   128 C  "C5'" . DA  A 1 6 ? 1.485   -3.768  7.145   1.00 30.92 ? 6    DA  A "C5'" 1 
ATOM   129 C  "C4'" . DA  A 1 6 ? 2.006   -4.905  7.972   1.00 28.30 ? 6    DA  A "C4'" 1 
ATOM   130 O  "O4'" . DA  A 1 6 ? 3.465   -4.858  8.059   1.00 26.45 ? 6    DA  A "O4'" 1 
ATOM   131 C  "C3'" . DA  A 1 6 ? 1.494   -4.940  9.401   1.00 21.54 ? 6    DA  A "C3'" 1 
ATOM   132 O  "O3'" . DA  A 1 6 ? 1.235   -6.321  9.583   1.00 31.55 ? 6    DA  A "O3'" 1 
ATOM   133 C  "C2'" . DA  A 1 6 ? 2.677   -4.436  10.234  1.00 19.64 ? 6    DA  A "C2'" 1 
ATOM   134 C  "C1'" . DA  A 1 6 ? 3.887   -4.862  9.423   1.00 23.12 ? 6    DA  A "C1'" 1 
ATOM   135 N  N9    . DA  A 1 6 ? 5.032   -3.962  9.418   1.00 22.93 ? 6    DA  A N9    1 
ATOM   136 C  C8    . DA  A 1 6 ? 5.043   -2.590  9.466   1.00 20.93 ? 6    DA  A C8    1 
ATOM   137 N  N7    . DA  A 1 6 ? 6.254   -2.083  9.373   1.00 19.11 ? 6    DA  A N7    1 
ATOM   138 C  C5    . DA  A 1 6 ? 7.066   -3.207  9.214   1.00 17.52 ? 6    DA  A C5    1 
ATOM   139 C  C6    . DA  A 1 6 ? 8.442   -3.363  9.015   1.00 19.96 ? 6    DA  A C6    1 
ATOM   140 N  N6    . DA  A 1 6 ? 9.302   -2.332  8.983   1.00 17.05 ? 6    DA  A N6    1 
ATOM   141 N  N1    . DA  A 1 6 ? 8.922   -4.606  8.903   1.00 20.45 ? 6    DA  A N1    1 
ATOM   142 C  C2    . DA  A 1 6 ? 8.077   -5.638  8.931   1.00 21.02 ? 6    DA  A C2    1 
ATOM   143 N  N3    . DA  A 1 6 ? 6.766   -5.629  9.100   1.00 24.33 ? 6    DA  A N3    1 
ATOM   144 C  C4    . DA  A 1 6 ? 6.319   -4.372  9.235   1.00 16.92 ? 6    DA  A C4    1 
ATOM   145 P  P     . DG  A 1 7 ? 0.740   -6.972  10.962  1.00 29.25 ? 7    DG  A P     1 
ATOM   146 O  OP1   . DG  A 1 7 ? 0.230   -8.341  10.600  1.00 49.02 ? 7    DG  A OP1   1 
ATOM   147 O  OP2   . DG  A 1 7 ? -0.160  -5.976  11.608  1.00 27.08 ? 7    DG  A OP2   1 
ATOM   148 O  "O5'" . DG  A 1 7 ? 2.035   -7.211  11.820  1.00 26.60 ? 7    DG  A "O5'" 1 
ATOM   149 C  "C5'" . DG  A 1 7 ? 3.064   -8.048  11.356  1.00 27.47 ? 7    DG  A "C5'" 1 
ATOM   150 C  "C4'" . DG  A 1 7 ? 4.263   -7.798  12.221  1.00 31.45 ? 7    DG  A "C4'" 1 
ATOM   151 O  "O4'" . DG  A 1 7 ? 4.867   -6.498  11.964  1.00 28.49 ? 7    DG  A "O4'" 1 
ATOM   152 C  "C3'" . DG  A 1 7 ? 3.947   -7.795  13.709  1.00 30.98 ? 7    DG  A "C3'" 1 
ATOM   153 O  "O3'" . DG  A 1 7 ? 4.573   -8.947  14.178  1.00 34.88 ? 7    DG  A "O3'" 1 
ATOM   154 C  "C2'" . DG  A 1 7 ? 4.601   -6.546  14.290  1.00 21.30 ? 7    DG  A "C2'" 1 
ATOM   155 C  "C1'" . DG  A 1 7 ? 5.482   -6.068  13.154  1.00 22.16 ? 7    DG  A "C1'" 1 
ATOM   156 N  N9    . DG  A 1 7 ? 5.519   -4.617  13.076  1.00 19.60 ? 7    DG  A N9    1 
ATOM   157 C  C8    . DG  A 1 7 ? 4.493   -3.730  13.304  1.00 23.45 ? 7    DG  A C8    1 
ATOM   158 N  N7    . DG  A 1 7 ? 4.846   -2.472  13.170  1.00 22.15 ? 7    DG  A N7    1 
ATOM   159 C  C5    . DG  A 1 7 ? 6.195   -2.541  12.842  1.00 17.63 ? 7    DG  A C5    1 
ATOM   160 C  C6    . DG  A 1 7 ? 7.088   -1.494  12.573  1.00 16.37 ? 7    DG  A C6    1 
ATOM   161 O  O6    . DG  A 1 7 ? 6.844   -0.277  12.583  1.00 20.50 ? 7    DG  A O6    1 
ATOM   162 N  N1    . DG  A 1 7 ? 8.358   -1.969  12.271  1.00 15.69 ? 7    DG  A N1    1 
ATOM   163 C  C2    . DG  A 1 7 ? 8.720   -3.277  12.251  1.00 18.97 ? 7    DG  A C2    1 
ATOM   164 N  N2    . DG  A 1 7 ? 9.999   -3.518  11.961  1.00 18.27 ? 7    DG  A N2    1 
ATOM   165 N  N3    . DG  A 1 7 ? 7.889   -4.283  12.495  1.00 19.38 ? 7    DG  A N3    1 
ATOM   166 C  C4    . DG  A 1 7 ? 6.642   -3.833  12.779  1.00 19.13 ? 7    DG  A C4    1 
ATOM   167 P  P     . DC  A 1 8 ? 4.466   -9.463  15.685  1.00 32.03 ? 8    DC  A P     1 
ATOM   168 O  OP1   . DC  A 1 8 ? 4.445   -10.949 15.522  1.00 38.99 ? 8    DC  A OP1   1 
ATOM   169 O  OP2   . DC  A 1 8 ? 3.374   -8.727  16.366  1.00 26.84 ? 8    DC  A OP2   1 
ATOM   170 O  "O5'" . DC  A 1 8 ? 5.881   -9.138  16.296  1.00 29.15 ? 8    DC  A "O5'" 1 
ATOM   171 C  "C5'" . DC  A 1 8 ? 6.996   -9.600  15.574  1.00 32.79 ? 8    DC  A "C5'" 1 
ATOM   172 C  "C4'" . DC  A 1 8 ? 8.220   -8.741  15.849  1.00 31.63 ? 8    DC  A "C4'" 1 
ATOM   173 O  "O4'" . DC  A 1 8 ? 8.158   -7.455  15.161  1.00 21.74 ? 8    DC  A "O4'" 1 
ATOM   174 C  "C3'" . DC  A 1 8 ? 8.435   -8.347  17.285  1.00 30.76 ? 8    DC  A "C3'" 1 
ATOM   175 O  "O3'" . DC  A 1 8 ? 9.026   -9.436  17.996  1.00 37.76 ? 8    DC  A "O3'" 1 
ATOM   176 C  "C2'" . DC  A 1 8 ? 9.440   -7.205  17.135  1.00 30.09 ? 8    DC  A "C2'" 1 
ATOM   177 C  "C1'" . DC  A 1 8 ? 9.104   -6.614  15.770  1.00 20.83 ? 8    DC  A "C1'" 1 
ATOM   178 N  N1    . DC  A 1 8 ? 8.491   -5.224  15.863  1.00 17.35 ? 8    DC  A N1    1 
ATOM   179 C  C2    . DC  A 1 8 ? 9.289   -4.121  15.507  1.00 17.08 ? 8    DC  A C2    1 
ATOM   180 O  O2    . DC  A 1 8 ? 10.436  -4.287  15.131  1.00 19.45 ? 8    DC  A O2    1 
ATOM   181 N  N3    . DC  A 1 8 ? 8.744   -2.913  15.603  1.00 16.76 ? 8    DC  A N3    1 
ATOM   182 C  C4    . DC  A 1 8 ? 7.492   -2.771  16.012  1.00 18.59 ? 8    DC  A C4    1 
ATOM   183 N  N4    . DC  A 1 8 ? 7.008   -1.540  16.060  1.00 18.11 ? 8    DC  A N4    1 
ATOM   184 C  C5    . DC  A 1 8 ? 6.635   -3.853  16.379  1.00 18.78 ? 8    DC  A C5    1 
ATOM   185 C  C6    . DC  A 1 8 ? 7.199   -5.074  16.274  1.00 17.34 ? 8    DC  A C6    1 
HETATM 186 MG MG    . MG  B 2 . ? 3.899   5.561   -11.988 0.25 25.83 ? 2001 MG  A MG    1 
HETATM 187 MG MG    . MG  C 2 . ? -2.762  -5.012  -6.149  1.00 38.91 ? 1001 MG  A MG    1 
HETATM 188 O  O     . HOH D 3 . ? -4.045  -4.079  -7.461  1.00 35.60 ? 1002 HOH A O     1 
HETATM 189 O  O     . HOH D 3 . ? -1.220  -4.788  -7.497  1.00 38.75 ? 1003 HOH A O     1 
HETATM 190 O  O     . HOH D 3 . ? -3.228  -6.835  -6.986  1.00 54.02 ? 1004 HOH A O     1 
HETATM 191 O  O     . HOH D 3 . ? -1.476  -5.948  -4.839  1.00 48.48 ? 1005 HOH A O     1 
HETATM 192 O  O     . HOH D 3 . ? -4.301  -5.232  -4.799  1.00 39.52 ? 1006 HOH A O     1 
HETATM 193 O  O     . HOH D 3 . ? -2.295  -3.187  -5.317  1.00 29.81 ? 1007 HOH A O     1 
HETATM 194 O  O     . HOH D 3 . ? -0.781  2.680   -21.752 0.25 58.42 ? 2002 HOH A O     1 
HETATM 195 O  O     . HOH D 3 . ? -8.095  -10.284 7.168   0.25 50.34 ? 2003 HOH A O     1 
HETATM 196 O  O     . HOH D 3 . ? -10.067 -11.066 3.260   0.25 52.97 ? 2004 HOH A O     1 
HETATM 197 O  O     . HOH D 3 . ? -7.145  -8.555  5.979   0.50 47.98 ? 2005 HOH A O     1 
HETATM 198 O  O     . HOH D 3 . ? -0.357  -1.365  -7.006  1.00 24.18 ? 2006 HOH A O     1 
HETATM 199 O  O     . HOH D 3 . ? -1.070  -0.771  -9.665  1.00 24.23 ? 2007 HOH A O     1 
HETATM 200 O  O     . HOH D 3 . ? 3.966   -0.922  -5.484  1.00 26.02 ? 2008 HOH A O     1 
HETATM 201 O  O     . HOH D 3 . ? 4.896   1.632   -5.332  1.00 61.81 ? 2009 HOH A O     1 
HETATM 202 O  O     . HOH D 3 . ? -1.740  -2.231  -2.821  1.00 27.34 ? 2010 HOH A O     1 
HETATM 203 O  O     . HOH D 3 . ? 5.666   -8.055  8.624   1.00 44.59 ? 2011 HOH A O     1 
HETATM 204 O  O     . HOH D 3 . ? 2.586   0.350   -8.472  1.00 29.30 ? 2012 HOH A O     1 
HETATM 205 O  O     . HOH D 3 . ? -6.839  8.434   -14.339 1.00 31.78 ? 2013 HOH A O     1 
HETATM 206 O  O     . HOH D 3 . ? 3.301   0.586   -11.325 1.00 35.10 ? 2014 HOH A O     1 
HETATM 207 O  O     . HOH D 3 . ? 8.784   -6.990  12.048  1.00 29.16 ? 2015 HOH A O     1 
HETATM 208 O  O     . HOH D 3 . ? 0.638   -3.796  12.929  1.00 47.97 ? 2016 HOH A O     1 
HETATM 209 O  O     . HOH D 3 . ? -2.040  -4.066  9.091   1.00 46.64 ? 2017 HOH A O     1 
HETATM 210 O  O     . HOH D 3 . ? -8.333  4.773   -3.682  1.00 37.00 ? 2018 HOH A O     1 
HETATM 211 O  O     . HOH D 3 . ? -4.990  -2.386  -14.457 1.00 37.59 ? 2019 HOH A O     1 
HETATM 212 O  O     . HOH D 3 . ? -8.428  4.902   -8.722  1.00 24.94 ? 2020 HOH A O     1 
HETATM 213 O  O     . HOH D 3 . ? -4.791  3.545   6.772   1.00 58.55 ? 2021 HOH A O     1 
HETATM 214 O  O     . HOH D 3 . ? -12.252 2.262   -7.739  1.00 29.32 ? 2022 HOH A O     1 
HETATM 215 O  O     . HOH D 3 . ? -4.431  -3.732  -10.220 1.00 49.35 ? 2023 HOH A O     1 
HETATM 216 O  O     . HOH D 3 . ? -8.141  6.579   -1.644  1.00 51.56 ? 2024 HOH A O     1 
HETATM 217 O  O     . HOH D 3 . ? -1.090  -0.113  -17.602 1.00 44.81 ? 2025 HOH A O     1 
HETATM 218 O  O     . HOH D 3 . ? -6.307  0.480   2.939   1.00 36.65 ? 2026 HOH A O     1 
HETATM 219 O  O     . HOH D 3 . ? -10.833 4.747   -6.960  1.00 49.68 ? 2027 HOH A O     1 
HETATM 220 O  O     . HOH D 3 . ? -2.115  -0.188  -15.069 1.00 43.80 ? 2028 HOH A O     1 
HETATM 221 O  O     . HOH D 3 . ? -2.527  -2.360  -11.442 1.00 32.35 ? 2029 HOH A O     1 
HETATM 222 O  O     . HOH D 3 . ? 6.454   -2.442  0.691   1.00 55.22 ? 2030 HOH A O     1 
HETATM 223 O  O     . HOH D 3 . ? -0.674  1.634   -11.435 1.00 34.08 ? 2031 HOH A O     1 
HETATM 224 O  O     . HOH D 3 . ? -5.085  0.076   -18.653 1.00 45.93 ? 2032 HOH A O     1 
HETATM 225 O  O     . HOH D 3 . ? 0.014   -5.571  -2.556  1.00 33.78 ? 2033 HOH A O     1 
HETATM 226 O  O     . HOH D 3 . ? 1.438   -3.627  -3.880  1.00 34.06 ? 2034 HOH A O     1 
HETATM 227 O  O     . HOH D 3 . ? -2.958  -8.552  -3.183  1.00 39.18 ? 2035 HOH A O     1 
HETATM 228 O  O     . HOH D 3 . ? -16.686 -0.768  -12.578 1.00 46.60 ? 2036 HOH A O     1 
HETATM 229 O  O     . HOH D 3 . ? -1.863  -2.526  5.117   1.00 34.23 ? 2037 HOH A O     1 
HETATM 230 O  O     . HOH D 3 . ? 0.665   -0.626  -21.193 1.00 39.86 ? 2038 HOH A O     1 
HETATM 231 O  O     . HOH D 3 . ? 8.012   0.246   -4.945  1.00 52.73 ? 2039 HOH A O     1 
HETATM 232 O  O     . HOH D 3 . ? -9.256  7.083   -10.376 1.00 48.28 ? 2040 HOH A O     1 
HETATM 233 O  O     . HOH D 3 . ? 5.924   1.511   -12.132 1.00 31.73 ? 2041 HOH A O     1 
HETATM 234 O  O     . HOH D 3 . ? -10.412 3.280   -4.637  1.00 40.67 ? 2042 HOH A O     1 
HETATM 235 O  O     . HOH D 3 . ? -3.936  -5.731  -2.048  1.00 43.21 ? 2043 HOH A O     1 
HETATM 236 O  O     . HOH D 3 . ? 2.904   3.895   -11.139 1.00 35.10 ? 2044 HOH A O     1 
HETATM 237 O  O     . HOH D 3 . ? 9.365   -1.883  -2.913  1.00 49.53 ? 2045 HOH A O     1 
HETATM 238 O  O     . HOH D 3 . ? 4.994   -1.108  2.037   1.00 59.88 ? 2046 HOH A O     1 
HETATM 239 O  O     . HOH D 3 . ? -7.788  5.196   0.827   1.00 46.46 ? 2047 HOH A O     1 
HETATM 240 O  O     . HOH D 3 . ? -1.109  -7.552  13.706  1.00 70.43 ? 2048 HOH A O     1 
HETATM 241 O  O     . HOH D 3 . ? 3.783   -2.705  -3.818  1.00 40.22 ? 2049 HOH A O     1 
HETATM 242 O  O     . HOH D 3 . ? 8.293   5.418   -0.683  1.00 63.77 ? 2050 HOH A O     1 
HETATM 243 O  O     . HOH D 3 . ? -1.280  2.254   -18.934 1.00 70.93 ? 2051 HOH A O     1 
HETATM 244 O  O     . HOH D 3 . ? -5.600  4.504   3.879   1.00 74.60 ? 2052 HOH A O     1 
HETATM 245 O  O     . HOH D 3 . ? -2.216  0.191   -21.823 1.00 59.54 ? 2053 HOH A O     1 
HETATM 246 O  O     . HOH D 3 . ? -7.972  3.012   2.525   1.00 51.32 ? 2054 HOH A O     1 
HETATM 247 O  O     . HOH D 3 . ? -4.593  -4.693  4.709   1.00 59.47 ? 2055 HOH A O     1 
HETATM 248 O  O     . HOH D 3 . ? -10.976 3.669   0.453   1.00 64.99 ? 2056 HOH A O     1 
HETATM 249 O  O     . HOH D 3 . ? -12.847 3.693   -18.051 1.00 47.36 ? 2057 HOH A O     1 
HETATM 250 O  O     . HOH D 3 . ? -7.519  -6.053  5.369   1.00 64.15 ? 2058 HOH A O     1 
HETATM 251 O  O     . HOH D 3 . ? -1.379  -8.824  -8.495  0.50 33.69 ? 2059 HOH A O     1 
HETATM 252 O  O     . HOH D 3 . ? -4.415  -0.523  -16.250 0.50 18.20 ? 2060 HOH A O     1 
HETATM 253 O  O     . HOH D 3 . ? -3.649  -3.587  -16.389 0.50 24.71 ? 2061 HOH A O     1 
HETATM 254 O  O     . HOH D 3 . ? 15.895  -4.681  9.251   0.50 36.56 ? 2062 HOH A O     1 
HETATM 255 O  O     . HOH D 3 . ? -4.424  -1.492  4.827   1.00 74.86 ? 2063 HOH A O     1 
HETATM 256 O  O     . HOH D 3 . ? -3.513  -1.589  -20.183 0.50 78.44 ? 2064 HOH A O     1 
HETATM 257 O  O     . HOH D 3 . ? -2.098  -5.250  -12.798 0.50 74.19 ? 2065 HOH A O     1 
HETATM 258 O  O     . HOH D 3 . ? 3.665   6.623   2.610   1.00 74.88 ? 2066 HOH A O     1 
HETATM 259 O  O     . HOH D 3 . ? 2.218   7.122   4.238   1.00 61.94 ? 2067 HOH A O     1 
# 
loop_
_pdbx_poly_seq_scheme.asym_id 
_pdbx_poly_seq_scheme.entity_id 
_pdbx_poly_seq_scheme.seq_id 
_pdbx_poly_seq_scheme.mon_id 
_pdbx_poly_seq_scheme.ndb_seq_num 
_pdbx_poly_seq_scheme.pdb_seq_num 
_pdbx_poly_seq_scheme.auth_seq_num 
_pdbx_poly_seq_scheme.pdb_mon_id 
_pdbx_poly_seq_scheme.auth_mon_id 
_pdbx_poly_seq_scheme.pdb_strand_id 
_pdbx_poly_seq_scheme.pdb_ins_code 
_pdbx_poly_seq_scheme.hetero 
A 1 1 DG 1 1 1 DG DG A . n 
A 1 2 DC 2 2 2 DC DC A . n 
A 1 3 DG 3 3 3 DG DG A . n 
A 1 4 DA 4 4 4 DA DA A . n 
A 1 5 DA 5 5 5 DA DA A . n 
A 1 6 DA 6 6 6 DA DA A . n 
A 1 7 DG 7 7 7 DG DG A . n 
A 1 8 DC 8 8 8 DC DC A . n 
# 
loop_
_pdbx_nonpoly_scheme.asym_id 
_pdbx_nonpoly_scheme.entity_id 
_pdbx_nonpoly_scheme.mon_id 
_pdbx_nonpoly_scheme.ndb_seq_num 
_pdbx_nonpoly_scheme.pdb_seq_num 
_pdbx_nonpoly_scheme.auth_seq_num 
_pdbx_nonpoly_scheme.pdb_mon_id 
_pdbx_nonpoly_scheme.auth_mon_id 
_pdbx_nonpoly_scheme.pdb_strand_id 
_pdbx_nonpoly_scheme.pdb_ins_code 
B 2 MG  1  2001 2001 MG  MG  A . 
C 2 MG  1  1001 1001 MG  MG  A . 
D 3 HOH 1  1002 1002 HOH HOH A . 
D 3 HOH 2  1003 1003 HOH HOH A . 
D 3 HOH 3  1004 1004 HOH HOH A . 
D 3 HOH 4  1005 1005 HOH HOH A . 
D 3 HOH 5  1006 1006 HOH HOH A . 
D 3 HOH 6  1007 1007 HOH HOH A . 
D 3 HOH 7  2002 2002 HOH HOH A . 
D 3 HOH 8  2003 2003 HOH HOH A . 
D 3 HOH 9  2004 2004 HOH HOH A . 
D 3 HOH 10 2005 2005 HOH HOH A . 
D 3 HOH 11 2006 2006 HOH HOH A . 
D 3 HOH 12 2007 2007 HOH HOH A . 
D 3 HOH 13 2008 2008 HOH HOH A . 
D 3 HOH 14 2009 2009 HOH HOH A . 
D 3 HOH 15 2010 2010 HOH HOH A . 
D 3 HOH 16 2011 2011 HOH HOH A . 
D 3 HOH 17 2012 2012 HOH HOH A . 
D 3 HOH 18 2013 2013 HOH HOH A . 
D 3 HOH 19 2014 2014 HOH HOH A . 
D 3 HOH 20 2015 2015 HOH HOH A . 
D 3 HOH 21 2016 2016 HOH HOH A . 
D 3 HOH 22 2017 2017 HOH HOH A . 
D 3 HOH 23 2018 2018 HOH HOH A . 
D 3 HOH 24 2019 2019 HOH HOH A . 
D 3 HOH 25 2020 2020 HOH HOH A . 
D 3 HOH 26 2021 2021 HOH HOH A . 
D 3 HOH 27 2022 2022 HOH HOH A . 
D 3 HOH 28 2023 2023 HOH HOH A . 
D 3 HOH 29 2024 2024 HOH HOH A . 
D 3 HOH 30 2025 2025 HOH HOH A . 
D 3 HOH 31 2026 2026 HOH HOH A . 
D 3 HOH 32 2027 2027 HOH HOH A . 
D 3 HOH 33 2028 2028 HOH HOH A . 
D 3 HOH 34 2029 2029 HOH HOH A . 
D 3 HOH 35 2030 2030 HOH HOH A . 
D 3 HOH 36 2031 2031 HOH HOH A . 
D 3 HOH 37 2032 2032 HOH HOH A . 
D 3 HOH 38 2033 2033 HOH HOH A . 
D 3 HOH 39 2034 2034 HOH HOH A . 
D 3 HOH 40 2035 2035 HOH HOH A . 
D 3 HOH 41 2036 2036 HOH HOH A . 
D 3 HOH 42 2037 2037 HOH HOH A . 
D 3 HOH 43 2038 2038 HOH HOH A . 
D 3 HOH 44 2039 2039 HOH HOH A . 
D 3 HOH 45 2040 2040 HOH HOH A . 
D 3 HOH 46 2041 2041 HOH HOH A . 
D 3 HOH 47 2042 2042 HOH HOH A . 
D 3 HOH 48 2043 2043 HOH HOH A . 
D 3 HOH 49 2044 2044 HOH HOH A . 
D 3 HOH 50 2045 2045 HOH HOH A . 
D 3 HOH 51 2046 2046 HOH HOH A . 
D 3 HOH 52 2047 2047 HOH HOH A . 
D 3 HOH 53 2048 2048 HOH HOH A . 
D 3 HOH 54 2049 2049 HOH HOH A . 
D 3 HOH 55 2050 2050 HOH HOH A . 
D 3 HOH 56 2051 2051 HOH HOH A . 
D 3 HOH 57 2052 2052 HOH HOH A . 
D 3 HOH 58 2053 2053 HOH HOH A . 
D 3 HOH 59 2054 2054 HOH HOH A . 
D 3 HOH 60 2055 2055 HOH HOH A . 
D 3 HOH 61 2056 2056 HOH HOH A . 
D 3 HOH 62 2057 2057 HOH HOH A . 
D 3 HOH 63 2058 2058 HOH HOH A . 
D 3 HOH 64 2059 2059 HOH HOH A . 
D 3 HOH 65 2060 2060 HOH HOH A . 
D 3 HOH 66 2061 2061 HOH HOH A . 
D 3 HOH 67 2062 2062 HOH HOH A . 
D 3 HOH 68 2063 2063 HOH HOH A . 
D 3 HOH 69 2064 2064 HOH HOH A . 
D 3 HOH 70 2065 2065 HOH HOH A . 
D 3 HOH 71 2066 2066 HOH HOH A . 
D 3 HOH 72 2067 2067 HOH HOH A . 
# 
_pdbx_struct_assembly.id                   1 
_pdbx_struct_assembly.details              author_defined_assembly 
_pdbx_struct_assembly.method_details       ? 
_pdbx_struct_assembly.oligomeric_details   octameric 
_pdbx_struct_assembly.oligomeric_count     8 
# 
_pdbx_struct_assembly_gen.assembly_id       1 
_pdbx_struct_assembly_gen.oper_expression   1,2,3,4,5,6,7,8 
_pdbx_struct_assembly_gen.asym_id_list      A,B,C,D 
# 
loop_
_pdbx_struct_oper_list.id 
_pdbx_struct_oper_list.type 
_pdbx_struct_oper_list.name 
_pdbx_struct_oper_list.symmetry_operation 
_pdbx_struct_oper_list.matrix[1][1] 
_pdbx_struct_oper_list.matrix[1][2] 
_pdbx_struct_oper_list.matrix[1][3] 
_pdbx_struct_oper_list.vector[1] 
_pdbx_struct_oper_list.matrix[2][1] 
_pdbx_struct_oper_list.matrix[2][2] 
_pdbx_struct_oper_list.matrix[2][3] 
_pdbx_struct_oper_list.vector[2] 
_pdbx_struct_oper_list.matrix[3][1] 
_pdbx_struct_oper_list.matrix[3][2] 
_pdbx_struct_oper_list.matrix[3][3] 
_pdbx_struct_oper_list.vector[3] 
1 'identity operation'         1_555 x,y,z          1.0000000000  0.0000000000  0.0000000000  0.0000000000  0.0000000000  1.0000000000  0.0000000000  0.0000000000  0.0000000000  0.0000000000  1.0000000000  0.0000000000  
2 'crystal symmetry operation' 2_755 -x+2,-y,z      -0.6252364493 0.1467509542  0.7665138876  14.7099311875 0.1467509542  -0.9425348529 0.3001536414  13.8276946244 0.7665138876  0.3001536414  0.5677713022  -9.8393173885 
3 'crystal symmetry operation' 3_645 -y+1,x-1,z     0.1873817753  0.9587486476  0.2137500898  0.3997148105  -0.8119976934 0.0287325735  0.5829529870  15.5553395142 0.5527637978  -0.2827993456 0.7838856511  -3.1735360542 
4 'crystal symmetry operation' 4_665 y+1,-x+1,z     0.1873817753  -0.8119976934 0.5527637978  14.3102163770 0.9587486476  0.0287325735  -0.2827993456 -1.7276448898 0.2137500898  0.5829529870  0.7838856511  -6.6657813344 
5 'crystal symmetry operation' 5_756 -x+2,y,-z+1    -0.9973966631 -0.0710484203 0.0123295714  17.8324233437 -0.0710484203 0.9390030172  -0.3364899043 0.3029741795  0.0123295714  -0.3364899043 -0.9416063540 -2.0193701285 
6 'crystal symmetry operation' 6_556 x,-y,-z+1      0.6226331124  -0.0757025339 -0.7788434590 2.0570366358  -0.0757025339 -0.9964681643 0.0363362629  15.5529347447 -0.7788434590 0.0363362629  -0.6261649482 2.7738811499  
7 'crystal symmetry operation' 7_646 y+1,x-1,-z+1   -0.1223874633 -0.9617809006 -0.2449465411 16.2894384857 -0.9617809006 0.0540215211  0.2684383997  15.9489486539 -0.2449465411 0.2684383997  -0.9316340578 -4.2604348075 
8 'crystal symmetry operation' 8_666 -y+1,-x+1,-z+1 -0.2523760874 0.8150299464  -0.5215673465 3.6000214939  0.8150299464  -0.1114866681 -0.5685920411 -0.0930397297 -0.5215673465 -0.5685920411 -0.6361372445 5.0149458290 
# 
loop_
_pdbx_struct_special_symmetry.id 
_pdbx_struct_special_symmetry.PDB_model_num 
_pdbx_struct_special_symmetry.auth_asym_id 
_pdbx_struct_special_symmetry.auth_comp_id 
_pdbx_struct_special_symmetry.auth_seq_id 
_pdbx_struct_special_symmetry.PDB_ins_code 
_pdbx_struct_special_symmetry.label_asym_id 
_pdbx_struct_special_symmetry.label_comp_id 
_pdbx_struct_special_symmetry.label_seq_id 
1 1 A MG  2001 ? B MG  . 
2 1 A HOH 2003 ? D HOH . 
3 1 A HOH 2004 ? D HOH . 
# 
loop_
_pdbx_struct_conn_angle.id 
_pdbx_struct_conn_angle.ptnr1_label_atom_id 
_pdbx_struct_conn_angle.ptnr1_label_alt_id 
_pdbx_struct_conn_angle.ptnr1_label_asym_id 
_pdbx_struct_conn_angle.ptnr1_label_comp_id 
_pdbx_struct_conn_angle.ptnr1_label_seq_id 
_pdbx_struct_conn_angle.ptnr1_auth_atom_id 
_pdbx_struct_conn_angle.ptnr1_auth_asym_id 
_pdbx_struct_conn_angle.ptnr1_auth_comp_id 
_pdbx_struct_conn_angle.ptnr1_auth_seq_id 
_pdbx_struct_conn_angle.ptnr1_PDB_ins_code 
_pdbx_struct_conn_angle.ptnr1_symmetry 
_pdbx_struct_conn_angle.ptnr2_label_atom_id 
_pdbx_struct_conn_angle.ptnr2_label_alt_id 
_pdbx_struct_conn_angle.ptnr2_label_asym_id 
_pdbx_struct_conn_angle.ptnr2_label_comp_id 
_pdbx_struct_conn_angle.ptnr2_label_seq_id 
_pdbx_struct_conn_angle.ptnr2_auth_atom_id 
_pdbx_struct_conn_angle.ptnr2_auth_asym_id 
_pdbx_struct_conn_angle.ptnr2_auth_comp_id 
_pdbx_struct_conn_angle.ptnr2_auth_seq_id 
_pdbx_struct_conn_angle.ptnr2_PDB_ins_code 
_pdbx_struct_conn_angle.ptnr2_symmetry 
_pdbx_struct_conn_angle.ptnr3_label_atom_id 
_pdbx_struct_conn_angle.ptnr3_label_alt_id 
_pdbx_struct_conn_angle.ptnr3_label_asym_id 
_pdbx_struct_conn_angle.ptnr3_label_comp_id 
_pdbx_struct_conn_angle.ptnr3_label_seq_id 
_pdbx_struct_conn_angle.ptnr3_auth_atom_id 
_pdbx_struct_conn_angle.ptnr3_auth_asym_id 
_pdbx_struct_conn_angle.ptnr3_auth_comp_id 
_pdbx_struct_conn_angle.ptnr3_auth_seq_id 
_pdbx_struct_conn_angle.ptnr3_PDB_ins_code 
_pdbx_struct_conn_angle.ptnr3_symmetry 
_pdbx_struct_conn_angle.value 
_pdbx_struct_conn_angle.value_esd 
1  O ? D HOH . ? A HOH 1002 ? 1_555 MG ? C MG . ? A MG 1001 ? 1_555 O ? D HOH . ? A HOH 1003 ? 1_555 90.0  ? 
2  O ? D HOH . ? A HOH 1002 ? 1_555 MG ? C MG . ? A MG 1001 ? 1_555 O ? D HOH . ? A HOH 1004 ? 1_555 90.1  ? 
3  O ? D HOH . ? A HOH 1003 ? 1_555 MG ? C MG . ? A MG 1001 ? 1_555 O ? D HOH . ? A HOH 1004 ? 1_555 90.0  ? 
4  O ? D HOH . ? A HOH 1002 ? 1_555 MG ? C MG . ? A MG 1001 ? 1_555 O ? D HOH . ? A HOH 1005 ? 1_555 179.9 ? 
5  O ? D HOH . ? A HOH 1003 ? 1_555 MG ? C MG . ? A MG 1001 ? 1_555 O ? D HOH . ? A HOH 1005 ? 1_555 89.9  ? 
6  O ? D HOH . ? A HOH 1004 ? 1_555 MG ? C MG . ? A MG 1001 ? 1_555 O ? D HOH . ? A HOH 1005 ? 1_555 89.9  ? 
7  O ? D HOH . ? A HOH 1002 ? 1_555 MG ? C MG . ? A MG 1001 ? 1_555 O ? D HOH . ? A HOH 1006 ? 1_555 90.0  ? 
8  O ? D HOH . ? A HOH 1003 ? 1_555 MG ? C MG . ? A MG 1001 ? 1_555 O ? D HOH . ? A HOH 1006 ? 1_555 179.8 ? 
9  O ? D HOH . ? A HOH 1004 ? 1_555 MG ? C MG . ? A MG 1001 ? 1_555 O ? D HOH . ? A HOH 1006 ? 1_555 90.2  ? 
10 O ? D HOH . ? A HOH 1005 ? 1_555 MG ? C MG . ? A MG 1001 ? 1_555 O ? D HOH . ? A HOH 1006 ? 1_555 90.1  ? 
11 O ? D HOH . ? A HOH 1002 ? 1_555 MG ? C MG . ? A MG 1001 ? 1_555 O ? D HOH . ? A HOH 1007 ? 1_555 89.8  ? 
12 O ? D HOH . ? A HOH 1003 ? 1_555 MG ? C MG . ? A MG 1001 ? 1_555 O ? D HOH . ? A HOH 1007 ? 1_555 89.9  ? 
13 O ? D HOH . ? A HOH 1004 ? 1_555 MG ? C MG . ? A MG 1001 ? 1_555 O ? D HOH . ? A HOH 1007 ? 1_555 179.8 ? 
14 O ? D HOH . ? A HOH 1005 ? 1_555 MG ? C MG . ? A MG 1001 ? 1_555 O ? D HOH . ? A HOH 1007 ? 1_555 90.2  ? 
15 O ? D HOH . ? A HOH 1006 ? 1_555 MG ? C MG . ? A MG 1001 ? 1_555 O ? D HOH . ? A HOH 1007 ? 1_555 89.9  ? 
16 O ? D HOH . ? A HOH 2044 ? 1_555 MG ? B MG . ? A MG 2001 ? 1_555 O ? D HOH . ? A HOH 2044 ? 4_665 90.0  ? 
17 O ? D HOH . ? A HOH 2044 ? 1_555 MG ? B MG . ? A MG 2001 ? 1_555 O ? D HOH . ? A HOH 2044 ? 2_755 177.9 ? 
18 O ? D HOH . ? A HOH 2044 ? 4_665 MG ? B MG . ? A MG 2001 ? 1_555 O ? D HOH . ? A HOH 2044 ? 2_755 90.0  ? 
19 O ? D HOH . ? A HOH 2044 ? 1_555 MG ? B MG . ? A MG 2001 ? 1_555 O ? D HOH . ? A HOH 2044 ? 3_645 90.0  ? 
20 O ? D HOH . ? A HOH 2044 ? 4_665 MG ? B MG . ? A MG 2001 ? 1_555 O ? D HOH . ? A HOH 2044 ? 3_645 177.9 ? 
21 O ? D HOH . ? A HOH 2044 ? 2_755 MG ? B MG . ? A MG 2001 ? 1_555 O ? D HOH . ? A HOH 2044 ? 3_645 90.0  ? 
# 
loop_
_pdbx_audit_revision_history.ordinal 
_pdbx_audit_revision_history.data_content_type 
_pdbx_audit_revision_history.major_revision 
_pdbx_audit_revision_history.minor_revision 
_pdbx_audit_revision_history.revision_date 
1 'Structure model' 1 0 2007-08-14 
2 'Structure model' 1 1 2011-07-13 
3 'Structure model' 1 2 2023-10-25 
# 
_pdbx_audit_revision_details.ordinal             1 
_pdbx_audit_revision_details.revision_ordinal    1 
_pdbx_audit_revision_details.data_content_type   'Structure model' 
_pdbx_audit_revision_details.provider            repository 
_pdbx_audit_revision_details.type                'Initial release' 
_pdbx_audit_revision_details.description         ? 
_pdbx_audit_revision_details.details             ? 
# 
loop_
_pdbx_audit_revision_group.ordinal 
_pdbx_audit_revision_group.revision_ordinal 
_pdbx_audit_revision_group.data_content_type 
_pdbx_audit_revision_group.group 
1 2 'Structure model' 'Version format compliance' 
2 3 'Structure model' 'Data collection'           
3 3 'Structure model' 'Database references'       
4 3 'Structure model' 'Derived calculations'      
5 3 'Structure model' 'Refinement description'    
# 
loop_
_pdbx_audit_revision_category.ordinal 
_pdbx_audit_revision_category.revision_ordinal 
_pdbx_audit_revision_category.data_content_type 
_pdbx_audit_revision_category.category 
1 3 'Structure model' chem_comp_atom                
2 3 'Structure model' chem_comp_bond                
3 3 'Structure model' database_2                    
4 3 'Structure model' pdbx_initial_refinement_model 
5 3 'Structure model' pdbx_struct_conn_angle        
6 3 'Structure model' struct_conn                   
7 3 'Structure model' struct_site                   
# 
loop_
_pdbx_audit_revision_item.ordinal 
_pdbx_audit_revision_item.revision_ordinal 
_pdbx_audit_revision_item.data_content_type 
_pdbx_audit_revision_item.item 
1  3 'Structure model' '_database_2.pdbx_DOI'                        
2  3 'Structure model' '_database_2.pdbx_database_accession'         
3  3 'Structure model' '_pdbx_struct_conn_angle.ptnr1_auth_seq_id'   
4  3 'Structure model' '_pdbx_struct_conn_angle.ptnr1_symmetry'      
5  3 'Structure model' '_pdbx_struct_conn_angle.ptnr2_auth_seq_id'   
6  3 'Structure model' '_pdbx_struct_conn_angle.ptnr2_label_asym_id' 
7  3 'Structure model' '_pdbx_struct_conn_angle.ptnr3_auth_seq_id'   
8  3 'Structure model' '_pdbx_struct_conn_angle.ptnr3_symmetry'      
9  3 'Structure model' '_pdbx_struct_conn_angle.value'               
10 3 'Structure model' '_struct_conn.pdbx_dist_value'                
11 3 'Structure model' '_struct_conn.ptnr1_auth_seq_id'              
12 3 'Structure model' '_struct_conn.ptnr1_label_asym_id'            
13 3 'Structure model' '_struct_conn.ptnr2_auth_seq_id'              
14 3 'Structure model' '_struct_site.pdbx_auth_asym_id'              
15 3 'Structure model' '_struct_site.pdbx_auth_comp_id'              
16 3 'Structure model' '_struct_site.pdbx_auth_seq_id'               
# 
loop_
_software.name 
_software.classification 
_software.version 
_software.citation_id 
_software.pdbx_ordinal 
CNS      refinement        1.1 ? 1 
HKL-2000 'data collection' .   ? 2 
HKL-2000 'data reduction'  .   ? 3 
HKL-2000 'data scaling'    .   ? 4 
AMoRE    phasing           .   ? 5 
# 
loop_
_pdbx_validate_rmsd_angle.id 
_pdbx_validate_rmsd_angle.PDB_model_num 
_pdbx_validate_rmsd_angle.auth_atom_id_1 
_pdbx_validate_rmsd_angle.auth_asym_id_1 
_pdbx_validate_rmsd_angle.auth_comp_id_1 
_pdbx_validate_rmsd_angle.auth_seq_id_1 
_pdbx_validate_rmsd_angle.PDB_ins_code_1 
_pdbx_validate_rmsd_angle.label_alt_id_1 
_pdbx_validate_rmsd_angle.auth_atom_id_2 
_pdbx_validate_rmsd_angle.auth_asym_id_2 
_pdbx_validate_rmsd_angle.auth_comp_id_2 
_pdbx_validate_rmsd_angle.auth_seq_id_2 
_pdbx_validate_rmsd_angle.PDB_ins_code_2 
_pdbx_validate_rmsd_angle.label_alt_id_2 
_pdbx_validate_rmsd_angle.auth_atom_id_3 
_pdbx_validate_rmsd_angle.auth_asym_id_3 
_pdbx_validate_rmsd_angle.auth_comp_id_3 
_pdbx_validate_rmsd_angle.auth_seq_id_3 
_pdbx_validate_rmsd_angle.PDB_ins_code_3 
_pdbx_validate_rmsd_angle.label_alt_id_3 
_pdbx_validate_rmsd_angle.angle_value 
_pdbx_validate_rmsd_angle.angle_target_value 
_pdbx_validate_rmsd_angle.angle_deviation 
_pdbx_validate_rmsd_angle.angle_standard_deviation 
_pdbx_validate_rmsd_angle.linker_flag 
1 1 "O4'" A DA 4 ? ? "C1'" A DA 4 ? ? N9    A DA 4 ? ? 103.29 108.00 -4.71 0.70 N 
2 1 N7    A DA 4 ? ? C8    A DA 4 ? ? N9    A DA 4 ? ? 110.50 113.80 -3.30 0.50 N 
3 1 "O4'" A DA 5 ? B "C1'" A DA 5 ? B N9    A DA 5 ? B 111.57 108.30 3.27  0.30 N 
4 1 "O5'" A DA 6 ? ? "C5'" A DA 6 ? ? "C4'" A DA 6 ? ? 103.55 109.40 -5.85 0.80 N 
5 1 "O4'" A DA 6 ? ? "C1'" A DA 6 ? ? N9    A DA 6 ? ? 103.14 108.00 -4.86 0.70 N 
6 1 N3    A DC 8 ? ? C4    A DC 8 ? ? C5    A DC 8 ? ? 124.42 121.90 2.52  0.40 N 
# 
loop_
_chem_comp_atom.comp_id 
_chem_comp_atom.atom_id 
_chem_comp_atom.type_symbol 
_chem_comp_atom.pdbx_aromatic_flag 
_chem_comp_atom.pdbx_stereo_config 
_chem_comp_atom.pdbx_ordinal 
DA  OP3    O  N N 1   
DA  P      P  N N 2   
DA  OP1    O  N N 3   
DA  OP2    O  N N 4   
DA  "O5'"  O  N N 5   
DA  "C5'"  C  N N 6   
DA  "C4'"  C  N R 7   
DA  "O4'"  O  N N 8   
DA  "C3'"  C  N S 9   
DA  "O3'"  O  N N 10  
DA  "C2'"  C  N N 11  
DA  "C1'"  C  N R 12  
DA  N9     N  Y N 13  
DA  C8     C  Y N 14  
DA  N7     N  Y N 15  
DA  C5     C  Y N 16  
DA  C6     C  Y N 17  
DA  N6     N  N N 18  
DA  N1     N  Y N 19  
DA  C2     C  Y N 20  
DA  N3     N  Y N 21  
DA  C4     C  Y N 22  
DA  HOP3   H  N N 23  
DA  HOP2   H  N N 24  
DA  "H5'"  H  N N 25  
DA  "H5''" H  N N 26  
DA  "H4'"  H  N N 27  
DA  "H3'"  H  N N 28  
DA  "HO3'" H  N N 29  
DA  "H2'"  H  N N 30  
DA  "H2''" H  N N 31  
DA  "H1'"  H  N N 32  
DA  H8     H  N N 33  
DA  H61    H  N N 34  
DA  H62    H  N N 35  
DA  H2     H  N N 36  
DC  OP3    O  N N 37  
DC  P      P  N N 38  
DC  OP1    O  N N 39  
DC  OP2    O  N N 40  
DC  "O5'"  O  N N 41  
DC  "C5'"  C  N N 42  
DC  "C4'"  C  N R 43  
DC  "O4'"  O  N N 44  
DC  "C3'"  C  N S 45  
DC  "O3'"  O  N N 46  
DC  "C2'"  C  N N 47  
DC  "C1'"  C  N R 48  
DC  N1     N  N N 49  
DC  C2     C  N N 50  
DC  O2     O  N N 51  
DC  N3     N  N N 52  
DC  C4     C  N N 53  
DC  N4     N  N N 54  
DC  C5     C  N N 55  
DC  C6     C  N N 56  
DC  HOP3   H  N N 57  
DC  HOP2   H  N N 58  
DC  "H5'"  H  N N 59  
DC  "H5''" H  N N 60  
DC  "H4'"  H  N N 61  
DC  "H3'"  H  N N 62  
DC  "HO3'" H  N N 63  
DC  "H2'"  H  N N 64  
DC  "H2''" H  N N 65  
DC  "H1'"  H  N N 66  
DC  H41    H  N N 67  
DC  H42    H  N N 68  
DC  H5     H  N N 69  
DC  H6     H  N N 70  
DG  OP3    O  N N 71  
DG  P      P  N N 72  
DG  OP1    O  N N 73  
DG  OP2    O  N N 74  
DG  "O5'"  O  N N 75  
DG  "C5'"  C  N N 76  
DG  "C4'"  C  N R 77  
DG  "O4'"  O  N N 78  
DG  "C3'"  C  N S 79  
DG  "O3'"  O  N N 80  
DG  "C2'"  C  N N 81  
DG  "C1'"  C  N R 82  
DG  N9     N  Y N 83  
DG  C8     C  Y N 84  
DG  N7     N  Y N 85  
DG  C5     C  Y N 86  
DG  C6     C  N N 87  
DG  O6     O  N N 88  
DG  N1     N  N N 89  
DG  C2     C  N N 90  
DG  N2     N  N N 91  
DG  N3     N  N N 92  
DG  C4     C  Y N 93  
DG  HOP3   H  N N 94  
DG  HOP2   H  N N 95  
DG  "H5'"  H  N N 96  
DG  "H5''" H  N N 97  
DG  "H4'"  H  N N 98  
DG  "H3'"  H  N N 99  
DG  "HO3'" H  N N 100 
DG  "H2'"  H  N N 101 
DG  "H2''" H  N N 102 
DG  "H1'"  H  N N 103 
DG  H8     H  N N 104 
DG  H1     H  N N 105 
DG  H21    H  N N 106 
DG  H22    H  N N 107 
HOH O      O  N N 108 
HOH H1     H  N N 109 
HOH H2     H  N N 110 
MG  MG     MG N N 111 
# 
loop_
_chem_comp_bond.comp_id 
_chem_comp_bond.atom_id_1 
_chem_comp_bond.atom_id_2 
_chem_comp_bond.value_order 
_chem_comp_bond.pdbx_aromatic_flag 
_chem_comp_bond.pdbx_stereo_config 
_chem_comp_bond.pdbx_ordinal 
DA  OP3   P      sing N N 1   
DA  OP3   HOP3   sing N N 2   
DA  P     OP1    doub N N 3   
DA  P     OP2    sing N N 4   
DA  P     "O5'"  sing N N 5   
DA  OP2   HOP2   sing N N 6   
DA  "O5'" "C5'"  sing N N 7   
DA  "C5'" "C4'"  sing N N 8   
DA  "C5'" "H5'"  sing N N 9   
DA  "C5'" "H5''" sing N N 10  
DA  "C4'" "O4'"  sing N N 11  
DA  "C4'" "C3'"  sing N N 12  
DA  "C4'" "H4'"  sing N N 13  
DA  "O4'" "C1'"  sing N N 14  
DA  "C3'" "O3'"  sing N N 15  
DA  "C3'" "C2'"  sing N N 16  
DA  "C3'" "H3'"  sing N N 17  
DA  "O3'" "HO3'" sing N N 18  
DA  "C2'" "C1'"  sing N N 19  
DA  "C2'" "H2'"  sing N N 20  
DA  "C2'" "H2''" sing N N 21  
DA  "C1'" N9     sing N N 22  
DA  "C1'" "H1'"  sing N N 23  
DA  N9    C8     sing Y N 24  
DA  N9    C4     sing Y N 25  
DA  C8    N7     doub Y N 26  
DA  C8    H8     sing N N 27  
DA  N7    C5     sing Y N 28  
DA  C5    C6     sing Y N 29  
DA  C5    C4     doub Y N 30  
DA  C6    N6     sing N N 31  
DA  C6    N1     doub Y N 32  
DA  N6    H61    sing N N 33  
DA  N6    H62    sing N N 34  
DA  N1    C2     sing Y N 35  
DA  C2    N3     doub Y N 36  
DA  C2    H2     sing N N 37  
DA  N3    C4     sing Y N 38  
DC  OP3   P      sing N N 39  
DC  OP3   HOP3   sing N N 40  
DC  P     OP1    doub N N 41  
DC  P     OP2    sing N N 42  
DC  P     "O5'"  sing N N 43  
DC  OP2   HOP2   sing N N 44  
DC  "O5'" "C5'"  sing N N 45  
DC  "C5'" "C4'"  sing N N 46  
DC  "C5'" "H5'"  sing N N 47  
DC  "C5'" "H5''" sing N N 48  
DC  "C4'" "O4'"  sing N N 49  
DC  "C4'" "C3'"  sing N N 50  
DC  "C4'" "H4'"  sing N N 51  
DC  "O4'" "C1'"  sing N N 52  
DC  "C3'" "O3'"  sing N N 53  
DC  "C3'" "C2'"  sing N N 54  
DC  "C3'" "H3'"  sing N N 55  
DC  "O3'" "HO3'" sing N N 56  
DC  "C2'" "C1'"  sing N N 57  
DC  "C2'" "H2'"  sing N N 58  
DC  "C2'" "H2''" sing N N 59  
DC  "C1'" N1     sing N N 60  
DC  "C1'" "H1'"  sing N N 61  
DC  N1    C2     sing N N 62  
DC  N1    C6     sing N N 63  
DC  C2    O2     doub N N 64  
DC  C2    N3     sing N N 65  
DC  N3    C4     doub N N 66  
DC  C4    N4     sing N N 67  
DC  C4    C5     sing N N 68  
DC  N4    H41    sing N N 69  
DC  N4    H42    sing N N 70  
DC  C5    C6     doub N N 71  
DC  C5    H5     sing N N 72  
DC  C6    H6     sing N N 73  
DG  OP3   P      sing N N 74  
DG  OP3   HOP3   sing N N 75  
DG  P     OP1    doub N N 76  
DG  P     OP2    sing N N 77  
DG  P     "O5'"  sing N N 78  
DG  OP2   HOP2   sing N N 79  
DG  "O5'" "C5'"  sing N N 80  
DG  "C5'" "C4'"  sing N N 81  
DG  "C5'" "H5'"  sing N N 82  
DG  "C5'" "H5''" sing N N 83  
DG  "C4'" "O4'"  sing N N 84  
DG  "C4'" "C3'"  sing N N 85  
DG  "C4'" "H4'"  sing N N 86  
DG  "O4'" "C1'"  sing N N 87  
DG  "C3'" "O3'"  sing N N 88  
DG  "C3'" "C2'"  sing N N 89  
DG  "C3'" "H3'"  sing N N 90  
DG  "O3'" "HO3'" sing N N 91  
DG  "C2'" "C1'"  sing N N 92  
DG  "C2'" "H2'"  sing N N 93  
DG  "C2'" "H2''" sing N N 94  
DG  "C1'" N9     sing N N 95  
DG  "C1'" "H1'"  sing N N 96  
DG  N9    C8     sing Y N 97  
DG  N9    C4     sing Y N 98  
DG  C8    N7     doub Y N 99  
DG  C8    H8     sing N N 100 
DG  N7    C5     sing Y N 101 
DG  C5    C6     sing N N 102 
DG  C5    C4     doub Y N 103 
DG  C6    O6     doub N N 104 
DG  C6    N1     sing N N 105 
DG  N1    C2     sing N N 106 
DG  N1    H1     sing N N 107 
DG  C2    N2     sing N N 108 
DG  C2    N3     doub N N 109 
DG  N2    H21    sing N N 110 
DG  N2    H22    sing N N 111 
DG  N3    C4     sing N N 112 
HOH O     H1     sing N N 113 
HOH O     H2     sing N N 114 
# 
loop_
_ndb_struct_conf_na.entry_id 
_ndb_struct_conf_na.feature 
2DZ7 'b-form double helix'  
2DZ7 'mismatched base pair' 
2DZ7 'internal loop'        
# 
loop_
_ndb_struct_na_base_pair.model_number 
_ndb_struct_na_base_pair.i_label_asym_id 
_ndb_struct_na_base_pair.i_label_comp_id 
_ndb_struct_na_base_pair.i_label_seq_id 
_ndb_struct_na_base_pair.i_symmetry 
_ndb_struct_na_base_pair.j_label_asym_id 
_ndb_struct_na_base_pair.j_label_comp_id 
_ndb_struct_na_base_pair.j_label_seq_id 
_ndb_struct_na_base_pair.j_symmetry 
_ndb_struct_na_base_pair.shear 
_ndb_struct_na_base_pair.stretch 
_ndb_struct_na_base_pair.stagger 
_ndb_struct_na_base_pair.buckle 
_ndb_struct_na_base_pair.propeller 
_ndb_struct_na_base_pair.opening 
_ndb_struct_na_base_pair.pair_number 
_ndb_struct_na_base_pair.pair_name 
_ndb_struct_na_base_pair.i_auth_asym_id 
_ndb_struct_na_base_pair.i_auth_seq_id 
_ndb_struct_na_base_pair.i_PDB_ins_code 
_ndb_struct_na_base_pair.j_auth_asym_id 
_ndb_struct_na_base_pair.j_auth_seq_id 
_ndb_struct_na_base_pair.j_PDB_ins_code 
_ndb_struct_na_base_pair.hbond_type_28 
_ndb_struct_na_base_pair.hbond_type_12 
1 A DG 1 1_555 A DC 8 8_666 -0.292 -0.120 -0.035 -1.738 3.525  -2.173 1 A_DG1:DC8_A A 1 ? A 8 ? 19 1 
1 A DC 2 1_555 A DG 7 8_666 0.164  -0.106 -0.252 13.533 5.894  -1.769 2 A_DC2:DG7_A A 2 ? A 7 ? 19 1 
1 A DG 3 1_555 A DA 6 8_666 6.530  -4.369 1.104  29.762 -9.721 9.728  3 A_DG3:DA6_A A 3 ? A 6 ? 11 9 
1 A DG 1 1_555 A DC 8 1_555 -0.292 -0.120 -0.035 -1.738 3.525  -2.173 4 A_DG1:DC8_A A 1 ? A 8 ? 19 1 
1 A DC 2 1_555 A DG 7 1_555 0.164  -0.106 -0.252 13.533 5.894  -1.769 5 A_DC2:DG7_A A 2 ? A 7 ? 19 1 
1 A DG 3 1_555 A DA 6 1_555 6.530  -4.369 1.104  29.762 -9.721 9.728  6 A_DG3:DA6_A A 3 ? A 6 ? 11 9 
# 
loop_
_ndb_struct_na_base_pair_step.model_number 
_ndb_struct_na_base_pair_step.i_label_asym_id_1 
_ndb_struct_na_base_pair_step.i_label_comp_id_1 
_ndb_struct_na_base_pair_step.i_label_seq_id_1 
_ndb_struct_na_base_pair_step.i_symmetry_1 
_ndb_struct_na_base_pair_step.j_label_asym_id_1 
_ndb_struct_na_base_pair_step.j_label_comp_id_1 
_ndb_struct_na_base_pair_step.j_label_seq_id_1 
_ndb_struct_na_base_pair_step.j_symmetry_1 
_ndb_struct_na_base_pair_step.i_label_asym_id_2 
_ndb_struct_na_base_pair_step.i_label_comp_id_2 
_ndb_struct_na_base_pair_step.i_label_seq_id_2 
_ndb_struct_na_base_pair_step.i_symmetry_2 
_ndb_struct_na_base_pair_step.j_label_asym_id_2 
_ndb_struct_na_base_pair_step.j_label_comp_id_2 
_ndb_struct_na_base_pair_step.j_label_seq_id_2 
_ndb_struct_na_base_pair_step.j_symmetry_2 
_ndb_struct_na_base_pair_step.shift 
_ndb_struct_na_base_pair_step.slide 
_ndb_struct_na_base_pair_step.rise 
_ndb_struct_na_base_pair_step.tilt 
_ndb_struct_na_base_pair_step.roll 
_ndb_struct_na_base_pair_step.twist 
_ndb_struct_na_base_pair_step.x_displacement 
_ndb_struct_na_base_pair_step.y_displacement 
_ndb_struct_na_base_pair_step.helical_rise 
_ndb_struct_na_base_pair_step.inclination 
_ndb_struct_na_base_pair_step.tip 
_ndb_struct_na_base_pair_step.helical_twist 
_ndb_struct_na_base_pair_step.step_number 
_ndb_struct_na_base_pair_step.step_name 
_ndb_struct_na_base_pair_step.i_auth_asym_id_1 
_ndb_struct_na_base_pair_step.i_auth_seq_id_1 
_ndb_struct_na_base_pair_step.i_PDB_ins_code_1 
_ndb_struct_na_base_pair_step.j_auth_asym_id_1 
_ndb_struct_na_base_pair_step.j_auth_seq_id_1 
_ndb_struct_na_base_pair_step.j_PDB_ins_code_1 
_ndb_struct_na_base_pair_step.i_auth_asym_id_2 
_ndb_struct_na_base_pair_step.i_auth_seq_id_2 
_ndb_struct_na_base_pair_step.i_PDB_ins_code_2 
_ndb_struct_na_base_pair_step.j_auth_asym_id_2 
_ndb_struct_na_base_pair_step.j_auth_seq_id_2 
_ndb_struct_na_base_pair_step.j_PDB_ins_code_2 
1 A DG 1 1_555 A DC 8 8_666 A DC 2 1_555 A DG 7 8_666 0.018 -0.055 3.042 1.882 0.266 27.313 -0.177 0.395  3.036 0.563 -3.980 
27.378 1 AA_DG1DC2:DG7DC8_AA A 1 ? A 8 ? A 2 ? A 7 ? 
1 A DC 2 1_555 A DG 7 8_666 A DG 3 1_555 A DA 6 8_666 0.526 1.668  3.074 0.700 8.164 55.965 1.315  -0.517 3.274 8.648 -0.741 
56.514 2 AA_DC2DG3:DA6DG7_AA A 2 ? A 7 ? A 3 ? A 6 ? 
1 A DG 1 1_555 A DC 8 1_555 A DC 2 1_555 A DG 7 1_555 0.018 -0.055 3.042 1.882 0.266 27.313 -0.177 0.395  3.036 0.563 -3.980 
27.378 3 AA_DG1DC2:DG7DC8_AA A 1 ? A 8 ? A 2 ? A 7 ? 
1 A DC 2 1_555 A DG 7 1_555 A DG 3 1_555 A DA 6 1_555 0.526 1.668  3.074 0.700 8.164 55.965 1.315  -0.517 3.274 8.647 -0.741 
56.514 4 AA_DC2DG3:DA6DG7_AA A 2 ? A 7 ? A 3 ? A 6 ? 
# 
loop_
_pdbx_entity_nonpoly.entity_id 
_pdbx_entity_nonpoly.name 
_pdbx_entity_nonpoly.comp_id 
2 'MAGNESIUM ION' MG  
3 water           HOH 
# 
_pdbx_initial_refinement_model.id               1 
_pdbx_initial_refinement_model.entity_id_list   ? 
_pdbx_initial_refinement_model.type             'experimental model' 
_pdbx_initial_refinement_model.source_name      PDB 
_pdbx_initial_refinement_model.accession_code   1UE3 
_pdbx_initial_refinement_model.details          '1UE3(PDB code)' 
# 
